data_6NPB
#
_entry.id   6NPB
#
_cell.length_a   87.051
_cell.length_b   87.051
_cell.length_c   220.696
_cell.angle_alpha   90.000
_cell.angle_beta   90.000
_cell.angle_gamma   90.000
#
_symmetry.space_group_name_H-M   'P 41 21 2'
#
loop_
_entity.id
_entity.type
_entity.pdbx_description
1 polymer 'TmpA, 2-trimethylaminoethylphosphonate hydroxylase'
2 non-polymer 'FE (II) ION'
3 non-polymer '2-OXOGLUTARIC ACID'
4 non-polymer 'SULFATE ION'
5 water water
#
_entity_poly.entity_id   1
_entity_poly.type   'polypeptide(L)'
_entity_poly.pdbx_seq_one_letter_code
;HHHHHHMPRSVTADASGSFLTLTFEDGSESRFHAIWLRDNALDPETRSPGNGQRLITIGDIPADTRISTALVDDGALTVT
FAPEGKTVTFPGKWLKSNAYDTDQSSEVGRTSPDVETWDSSQPAPAFDWNEVQSDPKAKRDWLDAIARLGFAKLVNGPVR
EGALIECASMFGFVRETNYGKYFEVRTEVNPTNLAYTGLGLQAHTDNPYRDPVPSLQILYCLENSAEGGDSIVVDGFRAA
ERLRDEDPEGFALLAGNPARFEYKGSDGVHLRARRPMIELSPDGEMIAIRFNNRSSAPFVDIPFEKMEAYYAAYRRLGEF
IDDPEMGVSFKLEPGESFIVDNTRVLHARLGYSGSGSRWLQGCYADKDGLFSTLNVLNAQLGG
;
_entity_poly.pdbx_strand_id   A,B
#
loop_
_chem_comp.id
_chem_comp.type
_chem_comp.name
_chem_comp.formula
AKG non-polymer '2-OXOGLUTARIC ACID' 'C5 H6 O5'
FE2 non-polymer 'FE (II) ION' 'Fe 2'
SO4 non-polymer 'SULFATE ION' 'O4 S -2'
#
# COMPACT_ATOMS: atom_id res chain seq x y z
N HIS A 5 -5.85 -29.35 -20.04
CA HIS A 5 -5.40 -28.96 -21.41
C HIS A 5 -6.08 -27.67 -21.85
N HIS A 6 -5.46 -26.97 -22.79
CA HIS A 6 -5.99 -25.69 -23.28
C HIS A 6 -6.61 -25.80 -24.69
N MET A 7 -6.90 -27.02 -25.12
CA MET A 7 -7.47 -27.25 -26.45
C MET A 7 -8.99 -27.30 -26.35
N PRO A 8 -9.68 -26.30 -26.94
CA PRO A 8 -11.15 -26.29 -26.88
C PRO A 8 -11.77 -27.34 -27.80
N ARG A 9 -12.71 -28.10 -27.26
CA ARG A 9 -13.38 -29.15 -28.01
C ARG A 9 -14.73 -28.68 -28.54
N SER A 10 -15.55 -28.13 -27.64
CA SER A 10 -16.89 -27.68 -27.99
C SER A 10 -17.32 -26.49 -27.12
N VAL A 11 -18.37 -25.81 -27.56
CA VAL A 11 -18.93 -24.68 -26.80
C VAL A 11 -20.45 -24.72 -26.85
N THR A 12 -21.08 -24.30 -25.76
CA THR A 12 -22.53 -24.05 -25.74
C THR A 12 -22.75 -22.63 -25.25
N ALA A 13 -23.88 -22.05 -25.65
CA ALA A 13 -24.26 -20.70 -25.22
C ALA A 13 -25.54 -20.77 -24.40
N ASP A 14 -25.62 -19.97 -23.34
CA ASP A 14 -26.81 -19.91 -22.51
C ASP A 14 -27.97 -19.27 -23.31
N ALA A 15 -29.20 -19.59 -22.91
CA ALA A 15 -30.41 -19.09 -23.57
C ALA A 15 -30.45 -17.56 -23.65
N SER A 16 -30.01 -16.90 -22.58
CA SER A 16 -30.01 -15.44 -22.52
C SER A 16 -28.89 -14.81 -23.35
N GLY A 17 -27.91 -15.61 -23.74
CA GLY A 17 -26.71 -15.10 -24.40
C GLY A 17 -25.75 -14.43 -23.44
N SER A 18 -25.98 -14.58 -22.14
CA SER A 18 -25.21 -13.85 -21.14
C SER A 18 -23.88 -14.54 -20.83
N PHE A 19 -23.76 -15.82 -21.17
CA PHE A 19 -22.50 -16.55 -21.03
C PHE A 19 -22.44 -17.74 -21.95
N LEU A 20 -21.23 -18.26 -22.14
CA LEU A 20 -21.02 -19.51 -22.85
C LEU A 20 -20.24 -20.47 -21.95
N THR A 21 -20.32 -21.76 -22.26
CA THR A 21 -19.60 -22.79 -21.54
C THR A 21 -18.66 -23.49 -22.49
N LEU A 22 -17.36 -23.38 -22.23
CA LEU A 22 -16.33 -23.96 -23.05
C LEU A 22 -15.89 -25.29 -22.46
N THR A 23 -15.88 -26.34 -23.29
CA THR A 23 -15.37 -27.65 -22.89
C THR A 23 -14.06 -27.90 -23.60
N PHE A 24 -13.02 -28.23 -22.84
CA PHE A 24 -11.70 -28.49 -23.39
C PHE A 24 -11.52 -29.98 -23.68
N GLU A 25 -10.44 -30.33 -24.37
CA GLU A 25 -10.21 -31.72 -24.81
C GLU A 25 -10.06 -32.72 -23.66
N ASP A 26 -9.62 -32.24 -22.49
CA ASP A 26 -9.48 -33.10 -21.31
C ASP A 26 -10.79 -33.33 -20.55
N GLY A 27 -11.87 -32.69 -20.99
CA GLY A 27 -13.18 -32.85 -20.37
C GLY A 27 -13.58 -31.73 -19.43
N SER A 28 -12.63 -30.89 -19.04
CA SER A 28 -12.89 -29.79 -18.11
C SER A 28 -13.74 -28.70 -18.77
N GLU A 29 -14.58 -28.05 -17.97
CA GLU A 29 -15.48 -26.99 -18.45
C GLU A 29 -15.13 -25.65 -17.80
N SER A 30 -15.26 -24.56 -18.56
CA SER A 30 -15.12 -23.22 -18.01
C SER A 30 -16.14 -22.29 -18.65
N ARG A 31 -16.92 -21.60 -17.82
CA ARG A 31 -17.92 -20.65 -18.28
C ARG A 31 -17.34 -19.24 -18.36
N PHE A 32 -17.71 -18.51 -19.41
CA PHE A 32 -17.26 -17.13 -19.62
C PHE A 32 -18.47 -16.25 -19.97
N HIS A 33 -18.61 -15.14 -19.27
CA HIS A 33 -19.70 -14.19 -19.53
C HIS A 33 -19.45 -13.39 -20.79
N ALA A 34 -20.54 -13.01 -21.45
CA ALA A 34 -20.47 -12.16 -22.63
C ALA A 34 -19.76 -10.85 -22.34
N ILE A 35 -20.14 -10.20 -21.24
CA ILE A 35 -19.58 -8.89 -20.90
C ILE A 35 -18.08 -8.99 -20.64
N TRP A 36 -17.65 -10.04 -19.95
CA TRP A 36 -16.23 -10.26 -19.65
C TRP A 36 -15.42 -10.54 -20.92
N LEU A 37 -15.96 -11.40 -21.79
CA LEU A 37 -15.28 -11.68 -23.05
C LEU A 37 -15.16 -10.43 -23.92
N ARG A 38 -16.22 -9.64 -24.01
CA ARG A 38 -16.20 -8.41 -24.82
C ARG A 38 -15.17 -7.42 -24.29
N ASP A 39 -15.14 -7.26 -22.97
CA ASP A 39 -14.24 -6.33 -22.32
C ASP A 39 -12.77 -6.76 -22.49
N ASN A 40 -12.56 -8.07 -22.68
CA ASN A 40 -11.22 -8.62 -22.82
C ASN A 40 -10.81 -8.97 -24.25
N ALA A 41 -11.58 -8.47 -25.23
CA ALA A 41 -11.23 -8.69 -26.64
C ALA A 41 -9.82 -8.19 -26.91
N LEU A 42 -9.08 -8.95 -27.70
CA LEU A 42 -7.64 -8.72 -27.89
C LEU A 42 -7.31 -8.02 -29.20
N ASP A 43 -8.34 -7.67 -29.97
CA ASP A 43 -8.18 -7.10 -31.31
C ASP A 43 -7.71 -5.64 -31.27
N PRO A 44 -7.20 -5.11 -32.41
CA PRO A 44 -6.65 -3.74 -32.43
C PRO A 44 -7.61 -2.58 -32.14
N GLU A 45 -8.92 -2.83 -32.15
CA GLU A 45 -9.91 -1.80 -31.76
C GLU A 45 -10.28 -1.87 -30.28
N THR A 46 -9.79 -2.89 -29.58
CA THR A 46 -9.99 -3.00 -28.13
C THR A 46 -8.67 -2.87 -27.36
N ARG A 47 -7.60 -3.43 -27.91
CA ARG A 47 -6.27 -3.38 -27.30
C ARG A 47 -5.24 -2.86 -28.31
N SER A 48 -4.44 -1.88 -27.90
CA SER A 48 -3.36 -1.36 -28.74
C SER A 48 -2.37 -2.47 -29.09
N PRO A 49 -1.98 -2.58 -30.37
CA PRO A 49 -0.93 -3.54 -30.70
C PRO A 49 0.44 -3.16 -30.12
N GLY A 50 0.68 -1.86 -29.99
CA GLY A 50 1.98 -1.34 -29.54
C GLY A 50 2.30 -1.56 -28.07
N ASN A 51 1.34 -1.27 -27.19
CA ASN A 51 1.55 -1.45 -25.74
C ASN A 51 0.49 -2.29 -25.02
N GLY A 52 -0.48 -2.84 -25.74
CA GLY A 52 -1.53 -3.66 -25.12
C GLY A 52 -2.50 -2.90 -24.21
N GLN A 53 -2.49 -1.57 -24.25
CA GLN A 53 -3.41 -0.81 -23.42
C GLN A 53 -4.83 -0.87 -23.98
N ARG A 54 -5.80 -0.83 -23.08
CA ARG A 54 -7.20 -0.94 -23.41
C ARG A 54 -7.69 0.37 -24.01
N LEU A 55 -8.42 0.27 -25.13
CA LEU A 55 -8.83 1.43 -25.92
C LEU A 55 -10.28 1.83 -25.68
N ILE A 56 -10.98 1.05 -24.87
CA ILE A 56 -12.37 1.29 -24.54
C ILE A 56 -12.53 1.56 -23.05
N THR A 57 -13.62 2.23 -22.69
CA THR A 57 -14.04 2.32 -21.31
C THR A 57 -15.16 1.31 -21.10
N ILE A 58 -15.46 1.00 -19.85
CA ILE A 58 -16.58 0.12 -19.52
C ILE A 58 -17.90 0.67 -20.09
N GLY A 59 -18.07 1.99 -20.07
CA GLY A 59 -19.26 2.64 -20.62
C GLY A 59 -19.43 2.48 -22.12
N ASP A 60 -18.33 2.27 -22.84
CA ASP A 60 -18.36 2.07 -24.30
C ASP A 60 -18.98 0.73 -24.72
N ILE A 61 -18.97 -0.26 -23.84
CA ILE A 61 -19.56 -1.56 -24.15
C ILE A 61 -21.07 -1.46 -23.97
N PRO A 62 -21.85 -1.86 -24.99
CA PRO A 62 -23.32 -1.79 -24.83
C PRO A 62 -23.81 -2.56 -23.60
N ALA A 63 -24.71 -1.96 -22.85
CA ALA A 63 -25.22 -2.54 -21.60
C ALA A 63 -25.81 -3.95 -21.80
N ASP A 64 -26.51 -4.16 -22.91
CA ASP A 64 -27.15 -5.47 -23.17
C ASP A 64 -26.28 -6.41 -24.01
N THR A 65 -24.95 -6.22 -23.97
CA THR A 65 -24.03 -7.08 -24.70
C THR A 65 -24.29 -8.54 -24.38
N ARG A 66 -24.35 -9.35 -25.44
CA ARG A 66 -24.69 -10.76 -25.34
C ARG A 66 -23.98 -11.51 -26.45
N ILE A 67 -23.86 -12.81 -26.28
CA ILE A 67 -23.25 -13.67 -27.30
C ILE A 67 -24.33 -14.00 -28.34
N SER A 68 -24.11 -13.61 -29.59
CA SER A 68 -25.03 -13.94 -30.69
C SER A 68 -24.66 -15.28 -31.32
N THR A 69 -23.36 -15.53 -31.45
CA THR A 69 -22.87 -16.83 -31.90
C THR A 69 -21.48 -17.12 -31.36
N ALA A 70 -21.22 -18.40 -31.11
CA ALA A 70 -19.94 -18.85 -30.56
C ALA A 70 -19.56 -20.16 -31.22
N LEU A 71 -18.32 -20.27 -31.68
CA LEU A 71 -17.85 -21.50 -32.30
C LEU A 71 -16.39 -21.78 -31.96
N VAL A 72 -16.07 -23.07 -31.92
CA VAL A 72 -14.71 -23.54 -31.67
C VAL A 72 -14.09 -23.94 -33.01
N ASP A 73 -12.91 -23.41 -33.30
CA ASP A 73 -12.21 -23.71 -34.54
C ASP A 73 -10.70 -23.73 -34.30
N ASP A 74 -10.05 -24.76 -34.85
CA ASP A 74 -8.63 -25.09 -34.59
C ASP A 74 -7.98 -24.37 -33.41
N GLY A 75 -8.32 -24.84 -32.21
CA GLY A 75 -7.66 -24.39 -30.98
C GLY A 75 -8.13 -23.07 -30.41
N ALA A 76 -9.16 -22.45 -31.02
CA ALA A 76 -9.59 -21.12 -30.62
C ALA A 76 -11.12 -21.01 -30.57
N LEU A 77 -11.58 -19.99 -29.84
CA LEU A 77 -13.00 -19.67 -29.72
C LEU A 77 -13.26 -18.38 -30.48
N THR A 78 -14.21 -18.44 -31.40
CA THR A 78 -14.65 -17.25 -32.13
C THR A 78 -16.05 -16.88 -31.65
N VAL A 79 -16.21 -15.64 -31.22
CA VAL A 79 -17.46 -15.17 -30.64
C VAL A 79 -17.89 -13.88 -31.33
N THR A 80 -19.18 -13.78 -31.63
CA THR A 80 -19.77 -12.53 -32.09
C THR A 80 -20.67 -11.96 -31.01
N PHE A 81 -20.52 -10.66 -30.78
CA PHE A 81 -21.32 -9.94 -29.80
C PHE A 81 -22.38 -9.10 -30.46
N ALA A 82 -23.60 -9.20 -29.94
CA ALA A 82 -24.67 -8.27 -30.25
C ALA A 82 -24.79 -7.33 -29.05
N PRO A 83 -25.12 -6.05 -29.26
CA PRO A 83 -25.58 -5.51 -30.54
C PRO A 83 -24.50 -4.90 -31.43
N GLU A 84 -23.24 -4.97 -31.03
CA GLU A 84 -22.17 -4.39 -31.84
C GLU A 84 -21.96 -5.08 -33.18
N GLY A 85 -22.33 -6.35 -33.26
CA GLY A 85 -21.99 -7.17 -34.41
C GLY A 85 -20.49 -7.31 -34.54
N LYS A 86 -19.81 -7.42 -33.41
CA LYS A 86 -18.34 -7.51 -33.39
C LYS A 86 -17.91 -8.95 -33.15
N THR A 87 -17.04 -9.44 -34.04
CA THR A 87 -16.51 -10.79 -33.94
C THR A 87 -15.03 -10.76 -33.55
N VAL A 88 -14.68 -11.59 -32.57
CA VAL A 88 -13.30 -11.68 -32.10
C VAL A 88 -12.96 -13.12 -31.85
N THR A 89 -11.66 -13.41 -31.80
CA THR A 89 -11.18 -14.77 -31.55
C THR A 89 -10.25 -14.78 -30.33
N PHE A 90 -10.46 -15.77 -29.47
CA PHE A 90 -9.64 -15.97 -28.27
C PHE A 90 -8.92 -17.30 -28.38
N PRO A 91 -7.57 -17.27 -28.35
CA PRO A 91 -6.81 -18.53 -28.32
C PRO A 91 -7.13 -19.37 -27.11
N GLY A 92 -7.15 -20.69 -27.29
CA GLY A 92 -7.43 -21.64 -26.21
C GLY A 92 -6.51 -21.45 -25.02
N LYS A 93 -5.24 -21.21 -25.28
CA LYS A 93 -4.23 -21.01 -24.22
C LYS A 93 -4.57 -19.78 -23.37
N TRP A 94 -5.00 -18.71 -24.03
CA TRP A 94 -5.41 -17.48 -23.34
C TRP A 94 -6.62 -17.72 -22.45
N LEU A 95 -7.62 -18.40 -22.99
CA LEU A 95 -8.84 -18.72 -22.24
C LEU A 95 -8.55 -19.55 -20.99
N LYS A 96 -7.68 -20.55 -21.13
CA LYS A 96 -7.28 -21.37 -19.99
C LYS A 96 -6.53 -20.55 -18.93
N SER A 97 -5.59 -19.73 -19.38
CA SER A 97 -4.78 -18.91 -18.47
C SER A 97 -5.59 -17.86 -17.73
N ASN A 98 -6.62 -17.33 -18.39
CA ASN A 98 -7.38 -16.21 -17.85
C ASN A 98 -8.79 -16.57 -17.39
N ALA A 99 -9.05 -17.87 -17.23
CA ALA A 99 -10.35 -18.33 -16.74
C ALA A 99 -10.59 -17.82 -15.32
N TYR A 100 -11.84 -17.47 -15.03
CA TYR A 100 -12.26 -17.13 -13.67
C TYR A 100 -13.24 -18.13 -13.07
N ASP A 101 -13.83 -18.97 -13.91
CA ASP A 101 -14.71 -20.03 -13.45
C ASP A 101 -13.85 -21.26 -13.17
N THR A 102 -13.09 -21.18 -12.08
CA THR A 102 -12.09 -22.21 -11.76
C THR A 102 -12.24 -22.76 -10.35
N ASP A 103 -13.33 -22.39 -9.67
CA ASP A 103 -13.50 -22.71 -8.26
C ASP A 103 -12.27 -22.24 -7.49
N GLN A 104 -12.06 -20.93 -7.50
CA GLN A 104 -10.91 -20.33 -6.81
C GLN A 104 -11.02 -20.62 -5.33
N SER A 105 -9.89 -20.92 -4.70
CA SER A 105 -9.86 -21.14 -3.25
C SER A 105 -10.37 -19.89 -2.53
N SER A 106 -11.21 -20.11 -1.53
CA SER A 106 -11.69 -19.04 -0.66
C SER A 106 -11.13 -19.21 0.75
N GLU A 107 -10.02 -19.94 0.88
CA GLU A 107 -9.42 -20.16 2.19
C GLU A 107 -8.87 -18.82 2.70
N VAL A 108 -9.44 -18.36 3.80
CA VAL A 108 -9.00 -17.10 4.42
C VAL A 108 -7.60 -17.26 4.98
N GLY A 109 -6.73 -16.31 4.65
CA GLY A 109 -5.34 -16.34 5.11
C GLY A 109 -4.43 -17.19 4.24
N ARG A 110 -4.93 -17.69 3.11
CA ARG A 110 -4.10 -18.42 2.17
C ARG A 110 -3.07 -17.48 1.58
N THR A 111 -1.93 -18.03 1.16
CA THR A 111 -0.91 -17.25 0.46
C THR A 111 -1.16 -17.31 -1.03
N SER A 112 -0.61 -16.33 -1.75
CA SER A 112 -0.64 -16.30 -3.21
C SER A 112 -0.01 -17.56 -3.80
N PRO A 113 -0.50 -18.03 -4.96
CA PRO A 113 0.07 -19.21 -5.61
C PRO A 113 1.59 -19.17 -5.78
N ASP A 114 2.14 -17.99 -6.04
CA ASP A 114 3.55 -17.85 -6.37
C ASP A 114 4.50 -17.93 -5.17
N VAL A 115 4.04 -17.54 -3.99
CA VAL A 115 4.95 -17.52 -2.84
C VAL A 115 5.07 -18.89 -2.19
N GLU A 116 6.25 -19.14 -1.62
CA GLU A 116 6.56 -20.39 -0.96
C GLU A 116 7.10 -20.06 0.43
N THR A 117 6.38 -20.47 1.46
CA THR A 117 6.74 -20.10 2.84
C THR A 117 7.81 -21.04 3.40
N TRP A 118 8.50 -20.59 4.45
CA TRP A 118 9.66 -21.32 4.97
C TRP A 118 9.92 -21.04 6.45
N ASP A 119 10.79 -21.87 7.04
CA ASP A 119 11.25 -21.70 8.41
C ASP A 119 12.76 -21.99 8.48
N SER A 120 13.29 -22.27 9.66
CA SER A 120 14.73 -22.46 9.82
C SER A 120 15.31 -23.72 9.18
N SER A 121 14.46 -24.64 8.72
CA SER A 121 14.95 -25.89 8.11
C SER A 121 15.60 -25.68 6.74
N GLN A 122 15.29 -24.56 6.08
CA GLN A 122 15.88 -24.24 4.79
C GLN A 122 17.04 -23.23 4.96
N PRO A 123 18.26 -23.62 4.55
CA PRO A 123 19.35 -22.64 4.53
C PRO A 123 19.01 -21.43 3.66
N ALA A 124 19.59 -20.28 4.00
CA ALA A 124 19.34 -19.05 3.26
C ALA A 124 19.80 -19.18 1.81
N PRO A 125 18.94 -18.80 0.84
CA PRO A 125 19.41 -18.80 -0.54
C PRO A 125 20.44 -17.71 -0.76
N ALA A 126 21.52 -18.03 -1.47
CA ALA A 126 22.60 -17.09 -1.71
C ALA A 126 22.94 -17.00 -3.18
N PHE A 127 23.21 -15.76 -3.63
CA PHE A 127 23.59 -15.47 -5.01
C PHE A 127 24.87 -14.63 -5.00
N ASP A 128 25.57 -14.63 -6.13
CA ASP A 128 26.89 -13.97 -6.23
C ASP A 128 26.78 -12.58 -6.86
N TRP A 129 27.42 -11.61 -6.22
CA TRP A 129 27.42 -10.22 -6.68
C TRP A 129 27.83 -10.07 -8.15
N ASN A 130 29.00 -10.62 -8.50
CA ASN A 130 29.53 -10.47 -9.86
C ASN A 130 28.66 -11.18 -10.90
N GLU A 131 28.13 -12.35 -10.54
CA GLU A 131 27.27 -13.11 -11.45
C GLU A 131 25.94 -12.42 -11.77
N VAL A 132 25.25 -11.88 -10.76
CA VAL A 132 23.95 -11.27 -11.03
C VAL A 132 24.03 -9.99 -11.87
N GLN A 133 25.16 -9.29 -11.82
CA GLN A 133 25.27 -8.07 -12.62
C GLN A 133 25.77 -8.33 -14.04
N SER A 134 26.43 -9.46 -14.27
CA SER A 134 26.93 -9.81 -15.60
C SER A 134 26.04 -10.85 -16.31
N ASP A 135 25.74 -11.96 -15.63
CA ASP A 135 24.93 -13.05 -16.21
C ASP A 135 23.43 -12.82 -15.98
N PRO A 136 22.66 -12.57 -17.06
CA PRO A 136 21.21 -12.35 -16.92
C PRO A 136 20.43 -13.52 -16.32
N LYS A 137 20.87 -14.74 -16.55
CA LYS A 137 20.27 -15.92 -15.91
C LYS A 137 20.38 -15.82 -14.39
N ALA A 138 21.57 -15.47 -13.93
CA ALA A 138 21.84 -15.34 -12.50
C ALA A 138 21.03 -14.21 -11.88
N LYS A 139 20.87 -13.10 -12.61
CA LYS A 139 20.03 -12.00 -12.16
C LYS A 139 18.58 -12.43 -12.05
N ARG A 140 18.08 -13.10 -13.09
CA ARG A 140 16.71 -13.61 -13.10
C ARG A 140 16.47 -14.50 -11.88
N ASP A 141 17.37 -15.45 -11.64
CA ASP A 141 17.19 -16.41 -10.56
C ASP A 141 17.19 -15.71 -9.20
N TRP A 142 18.11 -14.77 -9.02
CA TRP A 142 18.20 -13.96 -7.80
C TRP A 142 16.91 -13.19 -7.52
N LEU A 143 16.45 -12.43 -8.50
CA LEU A 143 15.23 -11.63 -8.34
C LEU A 143 13.99 -12.53 -8.16
N ASP A 144 13.95 -13.66 -8.86
CA ASP A 144 12.83 -14.58 -8.74
C ASP A 144 12.79 -15.23 -7.35
N ALA A 145 13.96 -15.44 -6.75
CA ALA A 145 14.04 -15.97 -5.39
C ALA A 145 13.44 -14.97 -4.41
N ILE A 146 13.78 -13.70 -4.57
CA ILE A 146 13.17 -12.64 -3.77
C ILE A 146 11.66 -12.61 -3.96
N ALA A 147 11.20 -12.76 -5.20
CA ALA A 147 9.77 -12.75 -5.50
C ALA A 147 9.03 -13.92 -4.82
N ARG A 148 9.59 -15.11 -4.96
CA ARG A 148 8.98 -16.34 -4.44
C ARG A 148 9.14 -16.49 -2.94
N LEU A 149 10.37 -16.28 -2.46
CA LEU A 149 10.72 -16.58 -1.07
C LEU A 149 10.75 -15.35 -0.17
N GLY A 150 10.74 -14.16 -0.78
CA GLY A 150 10.75 -12.91 -0.02
C GLY A 150 12.09 -12.55 0.60
N PHE A 151 13.15 -13.27 0.23
CA PHE A 151 14.44 -13.11 0.88
C PHE A 151 15.54 -13.74 0.03
N ALA A 152 16.69 -13.07 -0.06
CA ALA A 152 17.89 -13.66 -0.66
C ALA A 152 19.14 -12.97 -0.17
N LYS A 153 20.21 -13.74 0.02
CA LYS A 153 21.53 -13.18 0.29
C LYS A 153 22.26 -12.92 -1.02
N LEU A 154 23.06 -11.85 -1.03
CA LEU A 154 23.94 -11.55 -2.14
C LEU A 154 25.35 -11.43 -1.56
N VAL A 155 26.23 -12.34 -1.96
CA VAL A 155 27.55 -12.47 -1.33
C VAL A 155 28.66 -12.15 -2.32
N ASN A 156 29.89 -12.08 -1.79
CA ASN A 156 31.08 -11.75 -2.59
C ASN A 156 30.97 -10.38 -3.27
N GLY A 157 30.35 -9.42 -2.58
CA GLY A 157 30.22 -8.06 -3.10
C GLY A 157 31.34 -7.16 -2.62
N PRO A 158 31.40 -5.92 -3.13
CA PRO A 158 32.46 -5.00 -2.77
C PRO A 158 32.31 -4.41 -1.37
N VAL A 159 33.43 -4.25 -0.67
CA VAL A 159 33.44 -3.56 0.62
C VAL A 159 33.59 -2.07 0.31
N ARG A 160 32.48 -1.45 -0.07
CA ARG A 160 32.48 -0.08 -0.55
C ARG A 160 31.21 0.65 -0.09
N GLU A 161 31.39 1.83 0.48
CA GLU A 161 30.28 2.67 0.89
C GLU A 161 29.35 2.94 -0.29
N GLY A 162 28.05 2.79 -0.04
CA GLY A 162 27.04 3.07 -1.05
C GLY A 162 26.81 1.98 -2.08
N ALA A 163 27.47 0.84 -1.90
CA ALA A 163 27.31 -0.29 -2.82
C ALA A 163 25.86 -0.78 -2.88
N LEU A 164 25.14 -0.65 -1.77
CA LEU A 164 23.74 -1.06 -1.74
C LEU A 164 22.88 -0.29 -2.74
N ILE A 165 23.26 0.95 -3.05
CA ILE A 165 22.52 1.73 -4.05
C ILE A 165 22.71 1.13 -5.43
N GLU A 166 23.93 0.69 -5.72
CA GLU A 166 24.20 0.01 -6.99
C GLU A 166 23.38 -1.28 -7.07
N CYS A 167 23.25 -1.96 -5.94
CA CYS A 167 22.42 -3.17 -5.87
C CYS A 167 20.97 -2.84 -6.21
N ALA A 168 20.43 -1.80 -5.58
CA ALA A 168 19.06 -1.40 -5.86
C ALA A 168 18.87 -1.10 -7.36
N SER A 169 19.86 -0.44 -7.96
CA SER A 169 19.78 -0.06 -9.37
C SER A 169 19.81 -1.25 -10.33
N MET A 170 20.26 -2.41 -9.86
CA MET A 170 20.21 -3.63 -10.67
C MET A 170 18.78 -4.04 -11.03
N PHE A 171 17.79 -3.67 -10.22
CA PHE A 171 16.40 -4.09 -10.48
C PHE A 171 15.32 -3.02 -10.35
N GLY A 172 15.62 -1.90 -9.70
CA GLY A 172 14.57 -0.93 -9.41
C GLY A 172 15.07 0.40 -8.90
N PHE A 173 14.32 1.00 -7.99
CA PHE A 173 14.54 2.38 -7.59
C PHE A 173 14.40 2.57 -6.09
N VAL A 174 15.25 3.42 -5.56
CA VAL A 174 15.33 3.66 -4.13
C VAL A 174 14.13 4.50 -3.66
N ARG A 175 13.46 4.03 -2.62
CA ARG A 175 12.49 4.84 -1.91
C ARG A 175 13.27 5.68 -0.90
N GLU A 176 13.46 6.95 -1.22
CA GLU A 176 14.16 7.88 -0.32
C GLU A 176 13.18 8.30 0.76
N THR A 177 13.64 8.35 2.01
CA THR A 177 12.79 8.73 3.13
C THR A 177 13.49 9.74 4.04
N ASN A 178 12.82 10.13 5.11
CA ASN A 178 13.43 10.89 6.19
C ASN A 178 14.79 10.32 6.63
N TYR A 179 14.96 8.99 6.53
CA TYR A 179 16.19 8.33 6.97
C TYR A 179 17.37 8.51 6.01
N GLY A 180 17.09 9.03 4.81
CA GLY A 180 18.11 9.29 3.78
C GLY A 180 17.84 8.52 2.51
N LYS A 181 18.73 8.66 1.52
CA LYS A 181 18.70 7.79 0.34
C LYS A 181 19.08 6.39 0.80
N TYR A 182 20.15 6.32 1.57
CA TYR A 182 20.44 5.16 2.41
C TYR A 182 20.82 5.64 3.80
N PHE A 183 20.80 4.74 4.76
CA PHE A 183 21.11 5.08 6.15
C PHE A 183 22.24 4.22 6.70
N GLU A 184 22.93 4.76 7.70
CA GLU A 184 24.07 4.10 8.31
C GLU A 184 23.61 3.33 9.52
N VAL A 185 23.71 2.01 9.47
CA VAL A 185 23.34 1.15 10.59
C VAL A 185 24.57 0.90 11.43
N ARG A 186 24.72 1.72 12.46
CA ARG A 186 25.83 1.64 13.40
C ARG A 186 25.40 2.36 14.67
N THR A 187 26.14 2.15 15.75
CA THR A 187 25.80 2.79 17.01
C THR A 187 26.02 4.29 16.89
N GLU A 188 25.00 5.06 17.26
CA GLU A 188 25.08 6.52 17.22
C GLU A 188 24.74 7.08 18.59
N VAL A 189 25.40 8.17 18.97
CA VAL A 189 24.99 8.89 20.19
C VAL A 189 23.69 9.62 19.89
N ASN A 190 22.82 9.73 20.88
CA ASN A 190 21.49 10.30 20.68
C ASN A 190 20.77 9.66 19.50
N PRO A 191 20.67 8.32 19.50
CA PRO A 191 20.11 7.60 18.35
C PRO A 191 18.66 8.00 18.06
N THR A 192 18.33 8.16 16.78
CA THR A 192 16.96 8.48 16.35
C THR A 192 16.09 7.23 16.25
N ASN A 193 16.71 6.07 16.39
CA ASN A 193 16.08 4.79 16.19
C ASN A 193 16.95 3.76 16.89
N LEU A 194 16.33 2.73 17.47
CA LEU A 194 17.07 1.69 18.16
C LEU A 194 17.93 0.84 17.21
N ALA A 195 17.64 0.90 15.91
CA ALA A 195 18.54 0.32 14.90
C ALA A 195 19.96 0.87 15.04
N TYR A 196 20.08 2.13 15.47
CA TYR A 196 21.37 2.80 15.60
C TYR A 196 21.95 2.68 17.00
N THR A 197 21.92 1.46 17.54
CA THR A 197 22.45 1.13 18.86
C THR A 197 23.07 -0.25 18.81
N GLY A 198 23.63 -0.69 19.93
CA GLY A 198 24.14 -2.04 20.06
C GLY A 198 23.09 -3.05 20.51
N LEU A 199 21.87 -2.59 20.77
CA LEU A 199 20.80 -3.46 21.28
C LEU A 199 20.35 -4.50 20.26
N GLY A 200 19.96 -5.67 20.75
CA GLY A 200 19.26 -6.65 19.93
C GLY A 200 17.92 -6.09 19.51
N LEU A 201 17.46 -6.50 18.32
CA LEU A 201 16.15 -6.10 17.80
C LEU A 201 15.33 -7.34 17.55
N GLN A 202 14.10 -7.35 18.07
CA GLN A 202 13.16 -8.40 17.74
C GLN A 202 12.88 -8.36 16.25
N ALA A 203 12.61 -9.53 15.67
CA ALA A 203 12.18 -9.59 14.27
C ALA A 203 11.04 -8.61 14.03
N HIS A 204 11.15 -7.88 12.93
CA HIS A 204 10.19 -6.86 12.59
C HIS A 204 10.20 -6.57 11.10
N THR A 205 9.13 -5.94 10.64
CA THR A 205 9.11 -5.28 9.36
C THR A 205 9.43 -3.80 9.61
N ASP A 206 10.13 -3.18 8.68
CA ASP A 206 10.50 -1.77 8.80
C ASP A 206 9.35 -0.84 8.46
N ASN A 207 9.25 0.24 9.22
CA ASN A 207 8.43 1.39 8.87
C ASN A 207 6.92 1.06 8.75
N PRO A 208 6.35 0.27 9.70
CA PRO A 208 4.90 0.04 9.61
C PRO A 208 4.11 1.33 9.81
N TYR A 209 4.76 2.34 10.38
CA TYR A 209 4.24 3.70 10.51
C TYR A 209 4.22 4.51 9.21
N ARG A 210 4.78 3.96 8.14
CA ARG A 210 4.79 4.58 6.82
C ARG A 210 3.75 3.92 5.94
N ASP A 211 2.88 4.73 5.36
CA ASP A 211 1.86 4.26 4.43
C ASP A 211 1.98 5.15 3.18
N PRO A 212 2.51 4.63 2.06
CA PRO A 212 2.80 3.23 1.82
C PRO A 212 4.08 2.71 2.48
N VAL A 213 4.02 1.49 2.99
CA VAL A 213 5.17 0.84 3.59
C VAL A 213 6.23 0.61 2.50
N PRO A 214 7.53 0.82 2.83
CA PRO A 214 8.55 0.40 1.88
C PRO A 214 8.42 -1.10 1.58
N SER A 215 8.45 -1.48 0.31
CA SER A 215 8.15 -2.88 -0.04
C SER A 215 9.38 -3.78 -0.11
N LEU A 216 10.57 -3.19 -0.24
CA LEU A 216 11.83 -3.93 -0.14
C LEU A 216 12.84 -3.20 0.74
N GLN A 217 13.68 -3.96 1.42
CA GLN A 217 14.80 -3.40 2.15
C GLN A 217 16.08 -4.14 1.84
N ILE A 218 17.15 -3.38 1.63
CA ILE A 218 18.49 -3.92 1.45
C ILE A 218 19.30 -3.60 2.69
N LEU A 219 19.98 -4.61 3.24
CA LEU A 219 20.94 -4.40 4.32
C LEU A 219 22.29 -4.95 3.88
N TYR A 220 23.32 -4.12 3.99
CA TYR A 220 24.61 -4.36 3.36
C TYR A 220 25.73 -4.19 4.39
N CYS A 221 26.59 -5.20 4.52
CA CYS A 221 27.63 -5.20 5.55
C CYS A 221 28.93 -4.59 5.04
N LEU A 222 29.46 -3.62 5.78
CA LEU A 222 30.81 -3.10 5.55
C LEU A 222 31.78 -3.64 6.62
N GLU A 223 31.37 -3.60 7.87
CA GLU A 223 32.12 -4.19 8.99
C GLU A 223 31.17 -4.96 9.90
N ASN A 224 31.64 -6.07 10.46
CA ASN A 224 30.85 -6.88 11.41
C ASN A 224 31.80 -7.70 12.30
N SER A 225 32.77 -7.01 12.90
CA SER A 225 33.85 -7.68 13.64
C SER A 225 33.63 -7.74 15.17
N ALA A 226 32.57 -7.11 15.67
CA ALA A 226 32.23 -7.22 17.09
C ALA A 226 31.54 -8.56 17.35
N GLU A 227 31.60 -9.02 18.59
CA GLU A 227 30.90 -10.24 18.98
C GLU A 227 29.40 -9.99 18.96
N GLY A 228 28.65 -10.92 18.36
CA GLY A 228 27.21 -10.75 18.16
C GLY A 228 26.93 -10.08 16.83
N GLY A 229 25.75 -9.49 16.69
CA GLY A 229 25.36 -8.80 15.47
C GLY A 229 24.94 -9.72 14.34
N ASP A 230 24.59 -10.96 14.67
CA ASP A 230 24.08 -11.90 13.67
C ASP A 230 22.74 -11.38 13.15
N SER A 231 22.46 -11.65 11.88
CA SER A 231 21.18 -11.33 11.26
C SER A 231 20.24 -12.52 11.35
N ILE A 232 18.96 -12.26 11.53
CA ILE A 232 17.95 -13.32 11.47
C ILE A 232 16.78 -12.84 10.62
N VAL A 233 16.25 -13.72 9.78
CA VAL A 233 15.04 -13.44 9.02
C VAL A 233 13.96 -14.47 9.35
N VAL A 234 12.72 -13.99 9.40
CA VAL A 234 11.56 -14.82 9.72
C VAL A 234 10.48 -14.54 8.67
N ASP A 235 9.91 -15.62 8.12
CA ASP A 235 8.85 -15.47 7.14
C ASP A 235 7.54 -15.15 7.85
N GLY A 236 7.12 -13.89 7.76
CA GLY A 236 5.88 -13.43 8.36
C GLY A 236 4.67 -14.21 7.89
N PHE A 237 4.67 -14.63 6.63
CA PHE A 237 3.57 -15.44 6.11
C PHE A 237 3.52 -16.82 6.76
N ARG A 238 4.69 -17.42 7.00
CA ARG A 238 4.73 -18.69 7.72
C ARG A 238 4.23 -18.52 9.16
N ALA A 239 4.64 -17.46 9.83
CA ALA A 239 4.15 -17.18 11.18
C ALA A 239 2.62 -17.01 11.19
N ALA A 240 2.11 -16.26 10.24
CA ALA A 240 0.67 -16.02 10.12
C ALA A 240 -0.10 -17.30 9.80
N GLU A 241 0.49 -18.15 8.95
CA GLU A 241 -0.10 -19.46 8.63
C GLU A 241 -0.25 -20.31 9.87
N ARG A 242 0.79 -20.31 10.71
CA ARG A 242 0.77 -21.10 11.95
C ARG A 242 -0.33 -20.63 12.89
N LEU A 243 -0.47 -19.30 13.03
CA LEU A 243 -1.53 -18.74 13.84
C LEU A 243 -2.90 -19.10 13.28
N ARG A 244 -3.05 -18.99 11.96
CA ARG A 244 -4.29 -19.33 11.27
C ARG A 244 -4.70 -20.78 11.56
N ASP A 245 -3.77 -21.70 11.40
CA ASP A 245 -4.03 -23.13 11.58
C ASP A 245 -4.32 -23.51 13.04
N GLU A 246 -3.63 -22.85 13.96
CA GLU A 246 -3.76 -23.15 15.38
C GLU A 246 -4.95 -22.44 16.01
N ASP A 247 -5.17 -21.19 15.63
CA ASP A 247 -6.11 -20.30 16.32
C ASP A 247 -6.78 -19.37 15.30
N PRO A 248 -7.78 -19.90 14.56
CA PRO A 248 -8.47 -19.10 13.56
C PRO A 248 -9.06 -17.80 14.09
N GLU A 249 -9.59 -17.82 15.31
CA GLU A 249 -10.17 -16.61 15.89
C GLU A 249 -9.09 -15.55 16.15
N GLY A 250 -7.95 -15.99 16.67
CA GLY A 250 -6.80 -15.10 16.90
C GLY A 250 -6.33 -14.46 15.60
N PHE A 251 -6.22 -15.28 14.56
CA PHE A 251 -5.85 -14.80 13.23
C PHE A 251 -6.84 -13.74 12.72
N ALA A 252 -8.13 -14.03 12.87
CA ALA A 252 -9.18 -13.11 12.45
C ALA A 252 -9.14 -11.78 13.19
N LEU A 253 -8.78 -11.82 14.48
CA LEU A 253 -8.61 -10.59 15.24
C LEU A 253 -7.48 -9.72 14.66
N LEU A 254 -6.36 -10.35 14.34
CA LEU A 254 -5.19 -9.60 13.84
C LEU A 254 -5.38 -9.12 12.40
N ALA A 255 -6.14 -9.87 11.61
CA ALA A 255 -6.45 -9.48 10.24
C ALA A 255 -7.60 -8.49 10.14
N GLY A 256 -8.52 -8.53 11.11
CA GLY A 256 -9.79 -7.82 11.01
C GLY A 256 -9.90 -6.48 11.72
N ASN A 257 -8.88 -6.14 12.51
CA ASN A 257 -8.85 -4.87 13.24
C ASN A 257 -7.55 -4.13 12.90
N PRO A 258 -7.63 -2.82 12.69
CA PRO A 258 -6.40 -2.07 12.46
C PRO A 258 -5.59 -1.92 13.74
N ALA A 259 -4.27 -1.94 13.58
CA ALA A 259 -3.36 -1.49 14.63
C ALA A 259 -2.93 -0.06 14.28
N ARG A 260 -2.17 0.56 15.18
CA ARG A 260 -1.62 1.89 14.95
C ARG A 260 -0.12 1.82 15.06
N PHE A 261 0.57 2.57 14.21
CA PHE A 261 2.02 2.65 14.26
C PHE A 261 2.45 4.11 14.20
N GLU A 262 3.52 4.44 14.91
CA GLU A 262 3.96 5.83 15.03
C GLU A 262 5.46 5.92 15.22
N TYR A 263 6.08 6.84 14.49
CA TYR A 263 7.48 7.16 14.69
C TYR A 263 7.64 8.67 14.83
N LYS A 264 8.32 9.09 15.91
CA LYS A 264 8.58 10.49 16.19
C LYS A 264 9.97 10.58 16.83
N GLY A 265 10.93 9.95 16.17
CA GLY A 265 12.26 9.72 16.74
C GLY A 265 13.20 10.91 16.75
N SER A 266 12.80 12.00 16.11
CA SER A 266 13.49 13.28 16.27
C SER A 266 12.56 14.39 15.83
N ASP A 267 12.96 15.63 16.10
CA ASP A 267 12.25 16.78 15.58
C ASP A 267 12.27 16.70 14.05
N GLY A 268 11.24 17.25 13.42
CA GLY A 268 11.20 17.28 11.96
C GLY A 268 10.63 16.04 11.30
N VAL A 269 10.23 15.04 12.09
CA VAL A 269 9.56 13.86 11.53
C VAL A 269 8.45 13.37 12.47
N HIS A 270 7.29 13.07 11.89
CA HIS A 270 6.21 12.45 12.63
C HIS A 270 5.35 11.61 11.70
N LEU A 271 5.68 10.32 11.63
CA LEU A 271 5.02 9.38 10.72
C LEU A 271 4.01 8.51 11.48
N ARG A 272 2.82 8.36 10.90
CA ARG A 272 1.76 7.54 11.51
C ARG A 272 1.05 6.73 10.44
N ALA A 273 0.63 5.52 10.82
CA ALA A 273 -0.20 4.69 9.94
C ALA A 273 -1.22 3.89 10.75
N ARG A 274 -2.34 3.59 10.09
CA ARG A 274 -3.44 2.81 10.66
C ARG A 274 -3.65 1.63 9.72
N ARG A 275 -3.13 0.47 10.11
CA ARG A 275 -3.14 -0.74 9.27
C ARG A 275 -3.14 -1.97 10.15
N PRO A 276 -3.78 -3.06 9.70
CA PRO A 276 -3.76 -4.29 10.48
C PRO A 276 -2.38 -4.93 10.47
N MET A 277 -2.07 -5.72 11.51
CA MET A 277 -0.81 -6.47 11.53
C MET A 277 -0.78 -7.56 10.46
N ILE A 278 -1.95 -8.09 10.11
CA ILE A 278 -2.09 -9.02 8.99
C ILE A 278 -3.06 -8.40 8.00
N GLU A 279 -2.56 -8.06 6.80
CA GLU A 279 -3.39 -7.43 5.77
C GLU A 279 -3.79 -8.49 4.76
N LEU A 280 -5.09 -8.64 4.57
CA LEU A 280 -5.63 -9.57 3.59
C LEU A 280 -6.19 -8.80 2.41
N SER A 281 -6.14 -9.44 1.25
CA SER A 281 -6.92 -8.99 0.11
C SER A 281 -8.42 -9.18 0.44
N PRO A 282 -9.29 -8.49 -0.30
CA PRO A 282 -10.74 -8.62 -0.08
C PRO A 282 -11.23 -10.07 -0.13
N ASP A 283 -10.59 -10.90 -0.96
CA ASP A 283 -10.97 -12.30 -1.11
C ASP A 283 -10.16 -13.28 -0.24
N GLY A 284 -9.40 -12.76 0.73
CA GLY A 284 -8.77 -13.59 1.76
C GLY A 284 -7.32 -14.00 1.56
N GLU A 285 -6.68 -13.47 0.52
CA GLU A 285 -5.28 -13.79 0.26
C GLU A 285 -4.41 -12.89 1.13
N MET A 286 -3.38 -13.46 1.76
CA MET A 286 -2.45 -12.66 2.56
C MET A 286 -1.63 -11.72 1.68
N ILE A 287 -1.65 -10.44 2.02
CA ILE A 287 -0.93 -9.40 1.27
C ILE A 287 0.30 -8.90 2.03
N ALA A 288 0.16 -8.65 3.32
CA ALA A 288 1.26 -8.05 4.07
C ALA A 288 1.19 -8.31 5.56
N ILE A 289 2.36 -8.32 6.17
CA ILE A 289 2.53 -8.38 7.61
C ILE A 289 3.17 -7.07 8.06
N ARG A 290 2.66 -6.51 9.16
CA ARG A 290 3.26 -5.34 9.81
C ARG A 290 3.43 -5.66 11.27
N PHE A 291 4.68 -5.77 11.71
CA PHE A 291 4.99 -6.23 13.05
C PHE A 291 6.26 -5.54 13.51
N ASN A 292 6.17 -4.79 14.59
CA ASN A 292 7.28 -3.97 15.05
C ASN A 292 7.00 -3.50 16.47
N ASN A 293 7.68 -4.08 17.45
CA ASN A 293 7.41 -3.72 18.85
C ASN A 293 7.77 -2.27 19.16
N ARG A 294 8.77 -1.75 18.45
CA ARG A 294 9.35 -0.45 18.80
C ARG A 294 8.47 0.74 18.36
N SER A 295 7.67 0.56 17.31
CA SER A 295 6.87 1.67 16.78
C SER A 295 5.37 1.35 16.67
N SER A 296 4.92 0.26 17.30
CA SER A 296 3.50 0.06 17.53
C SER A 296 3.01 1.13 18.52
N ALA A 297 1.91 1.78 18.17
CA ALA A 297 1.35 2.88 18.95
C ALA A 297 0.09 2.38 19.66
N PRO A 298 -0.48 3.21 20.55
CA PRO A 298 -1.65 2.75 21.29
C PRO A 298 -2.76 2.27 20.36
N PHE A 299 -3.26 1.07 20.61
CA PHE A 299 -4.32 0.48 19.80
C PHE A 299 -5.66 1.04 20.26
N VAL A 300 -6.21 1.95 19.47
CA VAL A 300 -7.42 2.69 19.81
C VAL A 300 -8.64 2.25 18.99
N ASP A 301 -8.44 1.34 18.04
CA ASP A 301 -9.51 0.96 17.11
C ASP A 301 -10.16 -0.38 17.44
N ILE A 302 -9.70 -1.04 18.50
CA ILE A 302 -10.20 -2.35 18.87
C ILE A 302 -11.23 -2.21 19.99
N PRO A 303 -12.43 -2.80 19.79
CA PRO A 303 -13.46 -2.75 20.82
C PRO A 303 -12.99 -3.29 22.17
N PHE A 304 -13.48 -2.70 23.26
CA PHE A 304 -13.09 -3.12 24.60
C PHE A 304 -13.25 -4.62 24.81
N GLU A 305 -14.38 -5.18 24.37
CA GLU A 305 -14.65 -6.61 24.58
C GLU A 305 -13.79 -7.55 23.73
N LYS A 306 -13.00 -7.01 22.79
CA LYS A 306 -12.06 -7.81 22.00
C LYS A 306 -10.58 -7.56 22.32
N MET A 307 -10.28 -6.54 23.12
CA MET A 307 -8.88 -6.15 23.35
C MET A 307 -8.01 -7.24 24.00
N GLU A 308 -8.55 -7.97 24.98
CA GLU A 308 -7.77 -9.02 25.65
C GLU A 308 -7.42 -10.12 24.68
N ALA A 309 -8.41 -10.58 23.91
CA ALA A 309 -8.20 -11.60 22.90
C ALA A 309 -7.25 -11.11 21.81
N TYR A 310 -7.38 -9.84 21.43
CA TYR A 310 -6.48 -9.26 20.44
C TYR A 310 -5.04 -9.35 20.92
N TYR A 311 -4.80 -8.93 22.17
CA TYR A 311 -3.46 -9.02 22.75
C TYR A 311 -2.94 -10.45 22.89
N ALA A 312 -3.83 -11.40 23.19
CA ALA A 312 -3.43 -12.80 23.26
C ALA A 312 -2.95 -13.31 21.90
N ALA A 313 -3.66 -12.91 20.84
CA ALA A 313 -3.28 -13.29 19.48
C ALA A 313 -1.98 -12.61 19.06
N TYR A 314 -1.84 -11.33 19.40
CA TYR A 314 -0.61 -10.58 19.17
C TYR A 314 0.57 -11.25 19.87
N ARG A 315 0.36 -11.64 21.13
CA ARG A 315 1.38 -12.38 21.89
C ARG A 315 1.74 -13.67 21.18
N ARG A 316 0.74 -14.42 20.73
CA ARG A 316 0.97 -15.71 20.09
C ARG A 316 1.75 -15.56 18.79
N LEU A 317 1.37 -14.56 17.99
CA LEU A 317 2.11 -14.27 16.76
C LEU A 317 3.58 -13.99 17.09
N GLY A 318 3.79 -13.16 18.11
CA GLY A 318 5.15 -12.86 18.59
C GLY A 318 5.91 -14.10 19.02
N GLU A 319 5.22 -15.05 19.62
CA GLU A 319 5.84 -16.32 20.00
C GLU A 319 6.31 -17.12 18.78
N PHE A 320 5.51 -17.12 17.72
CA PHE A 320 5.91 -17.78 16.47
C PHE A 320 7.10 -17.05 15.85
N ILE A 321 7.07 -15.73 15.88
CA ILE A 321 8.14 -14.92 15.30
C ILE A 321 9.45 -15.06 16.09
N ASP A 322 9.35 -15.19 17.42
CA ASP A 322 10.52 -15.39 18.28
C ASP A 322 11.03 -16.83 18.31
N ASP A 323 10.25 -17.77 17.76
CA ASP A 323 10.59 -19.19 17.75
C ASP A 323 11.90 -19.43 16.99
N PRO A 324 12.94 -19.97 17.66
CA PRO A 324 14.21 -20.24 16.98
C PRO A 324 14.08 -21.11 15.73
N GLU A 325 13.11 -22.02 15.73
CA GLU A 325 12.89 -22.88 14.57
C GLU A 325 12.25 -22.17 13.37
N MET A 326 11.81 -20.92 13.57
CA MET A 326 11.29 -20.07 12.50
C MET A 326 12.35 -19.15 11.89
N GLY A 327 13.42 -18.86 12.64
CA GLY A 327 14.41 -17.89 12.20
C GLY A 327 15.56 -18.52 11.43
N VAL A 328 15.88 -17.92 10.29
CA VAL A 328 17.09 -18.26 9.53
C VAL A 328 18.18 -17.28 9.92
N SER A 329 19.24 -17.81 10.55
CA SER A 329 20.28 -16.99 11.16
C SER A 329 21.60 -17.09 10.40
N PHE A 330 22.26 -15.95 10.25
CA PHE A 330 23.56 -15.89 9.59
C PHE A 330 24.25 -14.61 10.04
N LYS A 331 25.57 -14.57 9.94
CA LYS A 331 26.30 -13.36 10.24
C LYS A 331 26.95 -12.85 8.96
N LEU A 332 26.55 -11.65 8.55
CA LEU A 332 27.06 -11.06 7.33
C LEU A 332 28.54 -10.75 7.46
N GLU A 333 29.27 -10.98 6.38
CA GLU A 333 30.68 -10.61 6.28
C GLU A 333 30.77 -9.35 5.43
N PRO A 334 31.90 -8.62 5.51
CA PRO A 334 32.06 -7.43 4.68
C PRO A 334 31.80 -7.70 3.21
N GLY A 335 30.98 -6.85 2.58
CA GLY A 335 30.62 -7.01 1.18
C GLY A 335 29.42 -7.90 0.92
N GLU A 336 28.87 -8.52 1.97
CA GLU A 336 27.68 -9.32 1.85
C GLU A 336 26.45 -8.50 2.21
N SER A 337 25.32 -8.86 1.61
CA SER A 337 24.07 -8.15 1.86
C SER A 337 22.90 -9.11 1.74
N PHE A 338 21.73 -8.66 2.16
CA PHE A 338 20.50 -9.37 1.86
C PHE A 338 19.36 -8.42 1.59
N ILE A 339 18.35 -8.94 0.89
CA ILE A 339 17.15 -8.20 0.59
C ILE A 339 15.98 -8.96 1.21
N VAL A 340 15.07 -8.23 1.82
CA VAL A 340 13.80 -8.80 2.26
C VAL A 340 12.66 -8.11 1.55
N ASP A 341 11.63 -8.87 1.24
CA ASP A 341 10.34 -8.35 0.92
C ASP A 341 9.78 -7.83 2.23
N ASN A 342 9.79 -6.51 2.38
CA ASN A 342 9.47 -5.89 3.66
C ASN A 342 7.98 -5.86 3.97
N THR A 343 7.15 -6.33 3.04
CA THR A 343 5.74 -6.56 3.30
C THR A 343 5.49 -7.96 3.88
N ARG A 344 6.53 -8.77 4.03
CA ARG A 344 6.37 -10.21 4.32
C ARG A 344 7.41 -10.80 5.26
N VAL A 345 8.69 -10.68 4.89
CA VAL A 345 9.76 -11.30 5.65
C VAL A 345 10.32 -10.29 6.64
N LEU A 346 10.32 -10.68 7.91
CA LEU A 346 10.83 -9.85 8.99
C LEU A 346 12.34 -10.06 9.12
N HIS A 347 13.03 -9.05 9.62
CA HIS A 347 14.46 -9.18 9.90
C HIS A 347 14.74 -8.76 11.34
N ALA A 348 15.84 -9.27 11.88
CA ALA A 348 16.26 -9.01 13.25
C ALA A 348 17.77 -8.97 13.31
N ARG A 349 18.29 -8.55 14.45
CA ARG A 349 19.71 -8.75 14.73
C ARG A 349 19.93 -8.99 16.21
N LEU A 350 20.95 -9.78 16.53
CA LEU A 350 21.36 -9.97 17.91
C LEU A 350 22.20 -8.76 18.30
N GLY A 351 22.19 -8.42 19.59
CA GLY A 351 22.98 -7.32 20.09
C GLY A 351 24.46 -7.57 19.86
N TYR A 352 25.26 -6.51 19.91
CA TYR A 352 26.70 -6.62 19.73
C TYR A 352 27.44 -5.70 20.70
N SER A 353 28.68 -6.03 21.01
CA SER A 353 29.51 -5.27 21.95
C SER A 353 30.93 -5.78 21.94
N GLY A 354 31.80 -5.11 22.70
CA GLY A 354 33.20 -5.50 22.84
C GLY A 354 34.08 -4.83 21.81
N SER A 355 35.34 -5.27 21.73
CA SER A 355 36.24 -4.80 20.69
C SER A 355 35.74 -5.27 19.33
N GLY A 356 36.08 -4.53 18.30
CA GLY A 356 35.56 -4.77 16.96
C GLY A 356 34.54 -3.70 16.63
N SER A 357 34.18 -3.62 15.36
CA SER A 357 33.30 -2.56 14.89
C SER A 357 32.24 -3.13 13.97
N ARG A 358 31.03 -2.57 14.04
CA ARG A 358 29.94 -3.00 13.17
C ARG A 358 29.42 -1.82 12.38
N TRP A 359 29.27 -2.03 11.07
CA TRP A 359 28.79 -0.99 10.19
C TRP A 359 28.05 -1.66 9.04
N LEU A 360 26.73 -1.53 9.05
CA LEU A 360 25.88 -1.94 7.94
C LEU A 360 25.31 -0.69 7.29
N GLN A 361 24.84 -0.82 6.06
CA GLN A 361 24.11 0.26 5.41
C GLN A 361 22.76 -0.29 4.98
N GLY A 362 21.73 0.54 5.07
CA GLY A 362 20.38 0.12 4.68
C GLY A 362 19.69 1.09 3.75
N CYS A 363 18.81 0.56 2.92
CA CYS A 363 17.97 1.40 2.06
C CYS A 363 16.73 0.65 1.65
N TYR A 364 15.77 1.39 1.12
CA TYR A 364 14.51 0.83 0.64
C TYR A 364 14.40 0.89 -0.87
N ALA A 365 13.69 -0.07 -1.45
CA ALA A 365 13.31 -0.03 -2.84
C ALA A 365 11.91 -0.60 -2.97
N ASP A 366 11.39 -0.70 -4.20
CA ASP A 366 10.03 -1.21 -4.35
C ASP A 366 9.88 -2.42 -5.27
N LYS A 367 8.95 -3.29 -4.89
CA LYS A 367 8.71 -4.56 -5.57
C LYS A 367 8.21 -4.38 -7.00
N ASP A 368 7.45 -3.32 -7.25
CA ASP A 368 6.94 -3.09 -8.61
C ASP A 368 8.06 -3.08 -9.65
N GLY A 369 9.16 -2.38 -9.35
CA GLY A 369 10.32 -2.33 -10.23
C GLY A 369 11.04 -3.66 -10.34
N LEU A 370 11.21 -4.35 -9.22
CA LEU A 370 11.81 -5.69 -9.21
C LEU A 370 11.05 -6.63 -10.13
N PHE A 371 9.72 -6.66 -10.01
CA PHE A 371 8.88 -7.53 -10.85
C PHE A 371 9.02 -7.19 -12.33
N SER A 372 9.10 -5.90 -12.67
CA SER A 372 9.27 -5.48 -14.07
C SER A 372 10.60 -5.98 -14.64
N THR A 373 11.68 -5.77 -13.88
CA THR A 373 13.00 -6.25 -14.28
C THR A 373 12.98 -7.76 -14.48
N LEU A 374 12.32 -8.47 -13.57
CA LEU A 374 12.20 -9.91 -13.66
C LEU A 374 11.36 -10.32 -14.87
N ASN A 375 10.22 -9.66 -15.06
CA ASN A 375 9.35 -9.90 -16.21
C ASN A 375 10.12 -9.73 -17.52
N VAL A 376 10.92 -8.68 -17.61
CA VAL A 376 11.73 -8.39 -18.81
C VAL A 376 12.81 -9.45 -19.01
N LEU A 377 13.50 -9.84 -17.94
CA LEU A 377 14.52 -10.89 -18.01
C LEU A 377 13.94 -12.24 -18.45
N ASN A 378 12.76 -12.58 -17.96
CA ASN A 378 12.08 -13.82 -18.35
C ASN A 378 11.71 -13.82 -19.84
N ALA A 379 11.15 -12.70 -20.31
CA ALA A 379 10.78 -12.57 -21.71
C ALA A 379 11.99 -12.65 -22.64
N GLN A 380 13.08 -11.99 -22.26
CA GLN A 380 14.32 -12.01 -23.03
C GLN A 380 15.01 -13.37 -22.98
N LEU A 381 14.85 -14.09 -21.88
CA LEU A 381 15.34 -15.46 -21.76
C LEU A 381 14.23 -16.42 -22.18
N HIS B 5 -14.72 15.62 29.59
CA HIS B 5 -13.54 16.14 30.33
C HIS B 5 -12.37 15.18 30.26
N HIS B 6 -11.16 15.74 30.31
CA HIS B 6 -9.92 14.98 30.26
C HIS B 6 -9.26 14.94 31.64
N MET B 7 -9.98 15.38 32.67
CA MET B 7 -9.48 15.42 34.04
C MET B 7 -9.97 14.20 34.80
N PRO B 8 -9.06 13.29 35.18
CA PRO B 8 -9.48 12.11 35.92
C PRO B 8 -9.91 12.49 37.33
N ARG B 9 -10.93 11.79 37.85
CA ARG B 9 -11.43 12.01 39.21
C ARG B 9 -11.04 10.86 40.12
N SER B 10 -11.33 9.63 39.69
CA SER B 10 -11.10 8.47 40.52
C SER B 10 -10.99 7.21 39.67
N VAL B 11 -10.55 6.13 40.29
CA VAL B 11 -10.38 4.85 39.60
C VAL B 11 -10.75 3.68 40.51
N THR B 12 -11.36 2.66 39.91
CA THR B 12 -11.54 1.37 40.55
C THR B 12 -10.84 0.32 39.71
N ALA B 13 -10.20 -0.63 40.38
CA ALA B 13 -9.58 -1.77 39.73
C ALA B 13 -10.50 -2.96 39.94
N ASP B 14 -10.72 -3.73 38.88
CA ASP B 14 -11.50 -4.96 38.99
C ASP B 14 -10.81 -5.91 39.96
N ALA B 15 -11.59 -6.77 40.63
CA ALA B 15 -11.03 -7.75 41.56
C ALA B 15 -9.95 -8.62 40.92
N SER B 16 -10.13 -8.93 39.63
CA SER B 16 -9.17 -9.73 38.87
C SER B 16 -7.85 -9.01 38.60
N GLY B 17 -7.89 -7.68 38.62
CA GLY B 17 -6.75 -6.87 38.20
C GLY B 17 -6.60 -6.83 36.69
N SER B 18 -7.57 -7.40 35.95
CA SER B 18 -7.45 -7.52 34.50
C SER B 18 -7.76 -6.20 33.79
N PHE B 19 -8.54 -5.34 34.44
CA PHE B 19 -8.78 -3.99 33.94
C PHE B 19 -9.08 -3.03 35.09
N LEU B 20 -9.12 -1.75 34.77
CA LEU B 20 -9.56 -0.72 35.70
C LEU B 20 -10.56 0.20 35.01
N THR B 21 -11.33 0.94 35.81
CA THR B 21 -12.33 1.85 35.30
C THR B 21 -12.02 3.25 35.81
N LEU B 22 -11.75 4.15 34.87
CA LEU B 22 -11.38 5.52 35.17
C LEU B 22 -12.60 6.40 35.04
N THR B 23 -12.89 7.18 36.08
CA THR B 23 -13.98 8.15 36.05
C THR B 23 -13.40 9.56 35.95
N PHE B 24 -13.91 10.34 35.02
CA PHE B 24 -13.46 11.72 34.82
C PHE B 24 -14.37 12.70 35.54
N GLU B 25 -13.98 13.97 35.60
CA GLU B 25 -14.71 14.99 36.36
C GLU B 25 -16.07 15.36 35.77
N ASP B 26 -16.32 15.01 34.50
CA ASP B 26 -17.65 15.19 33.90
C ASP B 26 -18.58 13.99 34.11
N GLY B 27 -18.13 12.99 34.86
CA GLY B 27 -18.92 11.79 35.14
C GLY B 27 -18.68 10.63 34.19
N SER B 28 -17.99 10.88 33.08
CA SER B 28 -17.75 9.83 32.09
C SER B 28 -16.78 8.77 32.62
N GLU B 29 -16.94 7.54 32.13
CA GLU B 29 -16.09 6.42 32.52
C GLU B 29 -15.35 5.88 31.31
N SER B 30 -14.19 5.29 31.55
CA SER B 30 -13.43 4.63 30.49
C SER B 30 -12.61 3.49 31.09
N ARG B 31 -12.76 2.30 30.54
CA ARG B 31 -12.10 1.11 31.06
C ARG B 31 -10.83 0.82 30.26
N PHE B 32 -9.77 0.42 30.97
CA PHE B 32 -8.48 0.08 30.35
C PHE B 32 -7.97 -1.24 30.90
N HIS B 33 -7.57 -2.14 29.99
CA HIS B 33 -7.04 -3.43 30.40
C HIS B 33 -5.59 -3.30 30.88
N ALA B 34 -5.23 -4.18 31.82
CA ALA B 34 -3.88 -4.22 32.37
C ALA B 34 -2.82 -4.37 31.29
N ILE B 35 -3.04 -5.31 30.36
CA ILE B 35 -2.06 -5.57 29.32
C ILE B 35 -1.84 -4.36 28.41
N TRP B 36 -2.92 -3.66 28.09
CA TRP B 36 -2.88 -2.45 27.25
C TRP B 36 -2.12 -1.34 27.96
N LEU B 37 -2.43 -1.14 29.25
CA LEU B 37 -1.75 -0.12 30.04
C LEU B 37 -0.26 -0.41 30.16
N ARG B 38 0.08 -1.67 30.41
CA ARG B 38 1.49 -2.04 30.55
C ARG B 38 2.23 -1.81 29.25
N ASP B 39 1.65 -2.27 28.14
CA ASP B 39 2.27 -2.12 26.83
C ASP B 39 2.45 -0.64 26.47
N ASN B 40 1.52 0.19 26.91
CA ASN B 40 1.55 1.62 26.61
C ASN B 40 2.15 2.52 27.69
N ALA B 41 2.86 1.91 28.65
CA ALA B 41 3.58 2.69 29.65
C ALA B 41 4.51 3.70 28.97
N LEU B 42 4.52 4.93 29.49
CA LEU B 42 5.27 6.02 28.87
C LEU B 42 6.58 6.34 29.59
N ASP B 43 6.92 5.53 30.59
CA ASP B 43 8.13 5.77 31.37
C ASP B 43 9.40 5.44 30.57
N PRO B 44 10.56 5.99 30.99
CA PRO B 44 11.84 5.80 30.30
C PRO B 44 12.29 4.36 30.04
N GLU B 45 11.85 3.40 30.84
CA GLU B 45 12.23 2.00 30.63
C GLU B 45 11.25 1.24 29.73
N THR B 46 10.14 1.87 29.37
CA THR B 46 9.23 1.31 28.37
C THR B 46 9.37 2.04 27.03
N ARG B 47 9.49 3.36 27.09
CA ARG B 47 9.69 4.19 25.90
C ARG B 47 10.99 4.98 26.04
N SER B 48 11.92 4.78 25.12
CA SER B 48 13.18 5.52 25.16
C SER B 48 12.92 7.03 25.12
N PRO B 49 13.46 7.78 26.11
CA PRO B 49 13.17 9.22 26.12
C PRO B 49 13.65 9.99 24.88
N GLY B 50 14.75 9.56 24.28
CA GLY B 50 15.35 10.28 23.16
C GLY B 50 14.68 10.13 21.82
N ASN B 51 14.08 8.97 21.57
CA ASN B 51 13.47 8.67 20.26
C ASN B 51 12.04 8.10 20.31
N GLY B 52 11.51 7.89 21.51
CA GLY B 52 10.15 7.37 21.66
C GLY B 52 9.95 5.91 21.27
N GLN B 53 11.03 5.18 21.02
CA GLN B 53 10.91 3.76 20.64
C GLN B 53 10.60 2.90 21.86
N ARG B 54 9.66 1.98 21.71
CA ARG B 54 9.37 1.05 22.79
C ARG B 54 10.53 0.08 23.00
N LEU B 55 10.90 -0.13 24.27
CA LEU B 55 12.09 -0.90 24.63
C LEU B 55 11.81 -2.36 24.98
N ILE B 56 10.54 -2.74 25.01
CA ILE B 56 10.13 -4.10 25.37
C ILE B 56 9.21 -4.70 24.31
N THR B 57 9.27 -6.02 24.18
CA THR B 57 8.40 -6.75 23.28
C THR B 57 7.17 -7.25 24.04
N ILE B 58 6.17 -7.73 23.30
CA ILE B 58 5.02 -8.35 23.97
C ILE B 58 5.48 -9.57 24.79
N GLY B 59 6.45 -10.32 24.26
CA GLY B 59 7.05 -11.45 24.98
C GLY B 59 7.70 -11.10 26.31
N ASP B 60 8.21 -9.87 26.43
CA ASP B 60 8.83 -9.39 27.66
C ASP B 60 7.82 -9.13 28.78
N ILE B 61 6.57 -8.89 28.40
CA ILE B 61 5.51 -8.60 29.36
C ILE B 61 4.96 -9.93 29.88
N PRO B 62 5.06 -10.17 31.20
CA PRO B 62 4.51 -11.42 31.73
C PRO B 62 3.07 -11.65 31.30
N ALA B 63 2.75 -12.86 30.87
CA ALA B 63 1.41 -13.17 30.34
C ALA B 63 0.32 -13.02 31.39
N ASP B 64 0.69 -13.17 32.67
CA ASP B 64 -0.26 -13.00 33.78
C ASP B 64 -0.28 -11.58 34.35
N THR B 65 0.19 -10.60 33.57
CA THR B 65 0.22 -9.21 34.02
C THR B 65 -1.16 -8.70 34.42
N ARG B 66 -1.22 -8.08 35.60
CA ARG B 66 -2.45 -7.52 36.12
C ARG B 66 -2.14 -6.21 36.84
N ILE B 67 -3.18 -5.44 37.10
CA ILE B 67 -3.10 -4.24 37.93
C ILE B 67 -3.11 -4.66 39.41
N SER B 68 -2.04 -4.33 40.13
CA SER B 68 -1.97 -4.60 41.57
C SER B 68 -2.76 -3.55 42.34
N THR B 69 -2.37 -2.29 42.17
CA THR B 69 -3.10 -1.16 42.73
C THR B 69 -3.06 0.02 41.77
N ALA B 70 -3.96 0.96 41.99
CA ALA B 70 -4.06 2.15 41.16
C ALA B 70 -4.72 3.29 41.94
N LEU B 71 -4.40 4.52 41.56
CA LEU B 71 -4.91 5.71 42.21
C LEU B 71 -4.89 6.90 41.28
N VAL B 72 -5.93 7.72 41.35
CA VAL B 72 -5.95 9.01 40.67
C VAL B 72 -5.51 10.09 41.65
N ASP B 73 -4.57 10.92 41.21
CA ASP B 73 -4.09 12.05 42.01
C ASP B 73 -3.64 13.18 41.10
N ASP B 74 -4.12 14.38 41.38
CA ASP B 74 -3.60 15.59 40.74
C ASP B 74 -3.55 15.45 39.21
N GLY B 75 -4.67 15.02 38.62
CA GLY B 75 -4.81 14.93 37.17
C GLY B 75 -4.14 13.77 36.49
N ALA B 76 -3.61 12.81 37.25
CA ALA B 76 -2.90 11.67 36.68
C ALA B 76 -3.31 10.35 37.34
N LEU B 77 -3.07 9.26 36.64
CA LEU B 77 -3.34 7.92 37.13
C LEU B 77 -2.02 7.19 37.45
N THR B 78 -1.88 6.75 38.70
CA THR B 78 -0.77 5.88 39.08
C THR B 78 -1.23 4.43 39.00
N VAL B 79 -0.46 3.58 38.33
CA VAL B 79 -0.77 2.17 38.20
C VAL B 79 0.47 1.35 38.53
N THR B 80 0.31 0.33 39.36
CA THR B 80 1.38 -0.63 39.62
C THR B 80 0.94 -2.01 39.15
N PHE B 81 1.81 -2.65 38.37
CA PHE B 81 1.53 -3.94 37.77
C PHE B 81 2.16 -5.07 38.59
N ALA B 82 1.51 -6.24 38.56
CA ALA B 82 2.06 -7.47 39.07
C ALA B 82 2.06 -8.46 37.91
N PRO B 83 3.04 -9.36 37.82
CA PRO B 83 4.04 -9.63 38.86
C PRO B 83 5.36 -8.83 38.76
N GLU B 84 5.46 -7.93 37.79
CA GLU B 84 6.68 -7.12 37.64
C GLU B 84 6.95 -6.21 38.84
N GLY B 85 5.88 -5.66 39.41
CA GLY B 85 6.00 -4.67 40.48
C GLY B 85 6.20 -3.26 39.95
N LYS B 86 6.02 -3.08 38.64
CA LYS B 86 6.35 -1.81 38.01
C LYS B 86 5.27 -0.75 38.23
N THR B 87 5.69 0.43 38.71
CA THR B 87 4.81 1.57 38.90
C THR B 87 5.03 2.59 37.80
N VAL B 88 3.94 3.00 37.15
CA VAL B 88 3.99 4.04 36.14
C VAL B 88 2.86 5.03 36.35
N THR B 89 2.98 6.21 35.76
CA THR B 89 1.92 7.21 35.83
C THR B 89 1.50 7.63 34.44
N PHE B 90 0.23 7.94 34.28
CA PHE B 90 -0.34 8.39 33.02
C PHE B 90 -1.00 9.75 33.23
N PRO B 91 -0.66 10.74 32.40
CA PRO B 91 -1.42 11.99 32.42
C PRO B 91 -2.87 11.78 32.02
N GLY B 92 -3.78 12.50 32.66
CA GLY B 92 -5.20 12.44 32.35
C GLY B 92 -5.53 12.71 30.89
N LYS B 93 -4.93 13.75 30.33
CA LYS B 93 -5.10 14.11 28.92
C LYS B 93 -4.84 12.92 28.02
N TRP B 94 -3.74 12.22 28.28
CA TRP B 94 -3.31 11.10 27.43
C TRP B 94 -4.29 9.94 27.50
N LEU B 95 -4.78 9.63 28.69
CA LEU B 95 -5.73 8.53 28.87
C LEU B 95 -7.02 8.79 28.09
N LYS B 96 -7.54 10.01 28.17
CA LYS B 96 -8.77 10.36 27.44
C LYS B 96 -8.54 10.31 25.93
N SER B 97 -7.43 10.88 25.48
CA SER B 97 -7.11 10.94 24.05
C SER B 97 -6.88 9.56 23.42
N ASN B 98 -6.40 8.61 24.22
CA ASN B 98 -6.07 7.28 23.74
C ASN B 98 -7.02 6.18 24.20
N ALA B 99 -8.22 6.59 24.62
CA ALA B 99 -9.24 5.65 25.08
C ALA B 99 -9.68 4.75 23.94
N TYR B 100 -9.96 3.49 24.26
CA TYR B 100 -10.56 2.56 23.30
C TYR B 100 -11.92 2.02 23.73
N ASP B 101 -12.31 2.28 24.98
CA ASP B 101 -13.62 1.89 25.49
C ASP B 101 -14.65 2.91 25.00
N THR B 102 -14.89 2.89 23.70
CA THR B 102 -15.79 3.83 23.03
C THR B 102 -16.57 3.09 21.96
N ASP B 103 -17.55 3.76 21.39
CA ASP B 103 -18.35 3.19 20.31
C ASP B 103 -17.63 3.40 18.99
N GLN B 104 -17.00 2.33 18.50
CA GLN B 104 -16.23 2.38 17.26
C GLN B 104 -17.21 2.34 16.09
N SER B 105 -17.18 3.34 15.21
CA SER B 105 -18.02 3.32 14.03
C SER B 105 -17.62 2.15 13.13
N SER B 106 -18.63 1.41 12.66
CA SER B 106 -18.40 0.22 11.84
C SER B 106 -19.01 0.35 10.44
N GLU B 107 -19.59 1.51 10.13
CA GLU B 107 -20.26 1.74 8.85
C GLU B 107 -19.36 1.39 7.68
N VAL B 108 -19.82 0.47 6.84
CA VAL B 108 -19.04 0.03 5.69
C VAL B 108 -18.99 1.15 4.63
N GLY B 109 -17.78 1.51 4.21
CA GLY B 109 -17.60 2.52 3.16
C GLY B 109 -17.61 3.95 3.65
N ARG B 110 -17.61 4.14 4.98
CA ARG B 110 -17.50 5.47 5.56
C ARG B 110 -16.13 6.05 5.24
N THR B 111 -16.05 7.38 5.17
CA THR B 111 -14.76 8.05 5.00
C THR B 111 -14.19 8.44 6.35
N SER B 112 -12.88 8.64 6.39
CA SER B 112 -12.22 9.15 7.59
C SER B 112 -12.81 10.51 7.93
N PRO B 113 -12.91 10.85 9.24
CA PRO B 113 -13.45 12.16 9.59
C PRO B 113 -12.63 13.34 9.07
N ASP B 114 -11.35 13.10 8.77
CA ASP B 114 -10.46 14.15 8.31
C ASP B 114 -10.64 14.55 6.84
N VAL B 115 -11.34 13.73 6.05
CA VAL B 115 -11.58 14.10 4.65
C VAL B 115 -12.98 14.67 4.44
N GLU B 116 -13.07 15.58 3.48
CA GLU B 116 -14.34 16.11 3.03
C GLU B 116 -14.47 15.81 1.55
N THR B 117 -15.54 15.11 1.17
CA THR B 117 -15.76 14.77 -0.24
C THR B 117 -16.42 15.93 -0.98
N TRP B 118 -16.30 15.93 -2.30
CA TRP B 118 -16.74 17.08 -3.10
C TRP B 118 -17.14 16.71 -4.51
N ASP B 119 -17.79 17.67 -5.17
CA ASP B 119 -18.13 17.58 -6.59
C ASP B 119 -17.77 18.91 -7.26
N SER B 120 -18.39 19.22 -8.40
CA SER B 120 -18.03 20.41 -9.16
C SER B 120 -18.26 21.76 -8.44
N SER B 121 -18.98 21.76 -7.32
CA SER B 121 -19.18 22.98 -6.54
C SER B 121 -17.95 23.39 -5.72
N GLN B 122 -17.00 22.48 -5.57
CA GLN B 122 -15.76 22.74 -4.84
C GLN B 122 -14.78 23.58 -5.66
N PRO B 123 -14.42 24.78 -5.18
CA PRO B 123 -13.37 25.54 -5.83
C PRO B 123 -12.01 24.86 -5.68
N ALA B 124 -11.15 25.01 -6.69
CA ALA B 124 -9.79 24.47 -6.59
C ALA B 124 -9.03 25.24 -5.51
N PRO B 125 -8.56 24.54 -4.47
CA PRO B 125 -7.68 25.22 -3.51
C PRO B 125 -6.43 25.74 -4.23
N ALA B 126 -6.04 26.97 -3.96
CA ALA B 126 -4.92 27.61 -4.66
C ALA B 126 -4.01 28.32 -3.66
N PHE B 127 -2.71 28.10 -3.81
CA PHE B 127 -1.70 28.67 -2.92
C PHE B 127 -0.54 29.21 -3.72
N ASP B 128 0.22 30.12 -3.12
CA ASP B 128 1.30 30.82 -3.79
C ASP B 128 2.64 30.14 -3.54
N TRP B 129 3.36 29.88 -4.62
CA TRP B 129 4.67 29.21 -4.57
C TRP B 129 5.63 29.83 -3.56
N ASN B 130 5.71 31.16 -3.54
CA ASN B 130 6.64 31.85 -2.66
C ASN B 130 6.16 31.83 -1.21
N GLU B 131 4.86 32.02 -1.01
CA GLU B 131 4.29 32.05 0.34
C GLU B 131 4.46 30.72 1.07
N VAL B 132 4.25 29.61 0.37
CA VAL B 132 4.39 28.29 1.01
C VAL B 132 5.83 27.98 1.42
N GLN B 133 6.80 28.64 0.79
CA GLN B 133 8.20 28.45 1.16
C GLN B 133 8.62 29.31 2.34
N SER B 134 8.07 30.52 2.46
CA SER B 134 8.51 31.48 3.48
C SER B 134 7.59 31.54 4.69
N ASP B 135 6.31 31.21 4.52
CA ASP B 135 5.33 31.28 5.60
C ASP B 135 4.84 29.88 5.96
N PRO B 136 5.21 29.38 7.16
CA PRO B 136 4.78 28.03 7.54
C PRO B 136 3.26 27.86 7.65
N LYS B 137 2.54 28.94 7.95
CA LYS B 137 1.08 28.90 7.99
C LYS B 137 0.49 28.63 6.61
N ALA B 138 1.05 29.27 5.59
CA ALA B 138 0.64 29.04 4.21
C ALA B 138 0.97 27.61 3.78
N LYS B 139 2.17 27.16 4.14
CA LYS B 139 2.59 25.78 3.84
C LYS B 139 1.65 24.77 4.52
N ARG B 140 1.38 24.99 5.80
CA ARG B 140 0.45 24.15 6.54
C ARG B 140 -0.93 24.10 5.87
N ASP B 141 -1.47 25.26 5.49
CA ASP B 141 -2.79 25.31 4.85
C ASP B 141 -2.81 24.61 3.49
N TRP B 142 -1.72 24.74 2.74
CA TRP B 142 -1.58 24.08 1.45
C TRP B 142 -1.60 22.55 1.61
N LEU B 143 -0.77 22.04 2.49
CA LEU B 143 -0.72 20.59 2.74
C LEU B 143 -2.01 20.09 3.39
N ASP B 144 -2.62 20.90 4.25
CA ASP B 144 -3.89 20.53 4.86
C ASP B 144 -5.01 20.37 3.82
N ALA B 145 -4.99 21.21 2.79
CA ALA B 145 -5.97 21.14 1.72
C ALA B 145 -5.83 19.83 0.95
N ILE B 146 -4.60 19.41 0.70
CA ILE B 146 -4.35 18.13 0.03
C ILE B 146 -4.81 16.97 0.93
N ALA B 147 -4.56 17.08 2.24
CA ALA B 147 -5.02 16.08 3.20
C ALA B 147 -6.55 15.96 3.25
N ARG B 148 -7.23 17.10 3.31
CA ARG B 148 -8.70 17.11 3.46
C ARG B 148 -9.42 16.80 2.15
N LEU B 149 -8.99 17.45 1.08
CA LEU B 149 -9.72 17.43 -0.20
C LEU B 149 -9.05 16.56 -1.27
N GLY B 150 -7.78 16.24 -1.08
CA GLY B 150 -7.06 15.38 -2.02
C GLY B 150 -6.47 16.07 -3.22
N PHE B 151 -6.54 17.40 -3.27
CA PHE B 151 -5.86 18.17 -4.31
C PHE B 151 -5.69 19.64 -3.95
N ALA B 152 -4.76 20.29 -4.64
CA ALA B 152 -4.51 21.73 -4.47
C ALA B 152 -3.66 22.23 -5.62
N LYS B 153 -3.87 23.50 -5.99
CA LYS B 153 -3.09 24.20 -7.00
C LYS B 153 -1.99 25.03 -6.34
N LEU B 154 -0.84 25.11 -7.01
CA LEU B 154 0.22 26.01 -6.61
C LEU B 154 0.47 26.97 -7.77
N VAL B 155 0.33 28.27 -7.52
CA VAL B 155 0.45 29.28 -8.56
C VAL B 155 1.66 30.18 -8.34
N ASN B 156 1.99 30.97 -9.35
CA ASN B 156 3.15 31.89 -9.32
C ASN B 156 4.47 31.18 -9.09
N GLY B 157 4.59 29.96 -9.60
CA GLY B 157 5.83 29.21 -9.52
C GLY B 157 6.75 29.58 -10.67
N PRO B 158 8.01 29.13 -10.61
CA PRO B 158 8.97 29.44 -11.68
C PRO B 158 8.71 28.64 -12.96
N VAL B 159 8.99 29.27 -14.10
CA VAL B 159 8.95 28.56 -15.37
C VAL B 159 10.35 28.00 -15.62
N ARG B 160 10.61 26.87 -14.96
CA ARG B 160 11.92 26.25 -14.94
C ARG B 160 11.75 24.74 -14.99
N GLU B 161 12.57 24.08 -15.81
CA GLU B 161 12.55 22.62 -15.89
C GLU B 161 12.93 22.01 -14.55
N GLY B 162 12.18 20.99 -14.13
CA GLY B 162 12.44 20.30 -12.87
C GLY B 162 11.89 21.00 -11.64
N ALA B 163 11.18 22.11 -11.82
CA ALA B 163 10.62 22.84 -10.68
C ALA B 163 9.66 21.96 -9.87
N LEU B 164 8.96 21.05 -10.54
CA LEU B 164 8.05 20.15 -9.83
C LEU B 164 8.76 19.29 -8.77
N ILE B 165 10.02 18.97 -9.00
CA ILE B 165 10.83 18.22 -8.03
C ILE B 165 11.07 19.05 -6.79
N GLU B 166 11.31 20.35 -6.97
CA GLU B 166 11.45 21.28 -5.86
C GLU B 166 10.16 21.35 -5.06
N CYS B 167 9.02 21.31 -5.75
CA CYS B 167 7.72 21.30 -5.09
C CYS B 167 7.58 20.06 -4.19
N ALA B 168 7.85 18.88 -4.74
CA ALA B 168 7.80 17.63 -3.97
C ALA B 168 8.69 17.70 -2.71
N SER B 169 9.89 18.24 -2.88
CA SER B 169 10.85 18.37 -1.78
C SER B 169 10.40 19.33 -0.68
N MET B 170 9.40 20.16 -0.94
CA MET B 170 8.82 21.00 0.10
C MET B 170 8.19 20.18 1.23
N PHE B 171 7.73 18.97 0.93
CA PHE B 171 7.04 18.16 1.94
C PHE B 171 7.48 16.70 2.01
N GLY B 172 8.21 16.20 1.01
CA GLY B 172 8.49 14.78 0.95
C GLY B 172 9.50 14.39 -0.09
N PHE B 173 9.28 13.22 -0.70
CA PHE B 173 10.26 12.62 -1.57
C PHE B 173 9.61 12.03 -2.81
N VAL B 174 10.31 12.22 -3.93
CA VAL B 174 9.85 11.76 -5.22
C VAL B 174 9.92 10.24 -5.29
N ARG B 175 8.85 9.62 -5.79
CA ARG B 175 8.88 8.21 -6.16
C ARG B 175 9.47 8.14 -7.56
N GLU B 176 10.73 7.71 -7.63
CA GLU B 176 11.44 7.57 -8.89
C GLU B 176 10.99 6.27 -9.55
N THR B 177 10.72 6.32 -10.85
CA THR B 177 10.34 5.13 -11.60
C THR B 177 11.27 4.94 -12.78
N ASN B 178 10.97 3.92 -13.58
CA ASN B 178 11.64 3.68 -14.86
C ASN B 178 11.62 4.89 -15.80
N TYR B 179 10.61 5.75 -15.66
CA TYR B 179 10.49 6.96 -16.48
C TYR B 179 11.31 8.13 -15.98
N GLY B 180 11.98 7.96 -14.84
CA GLY B 180 12.84 8.99 -14.26
C GLY B 180 12.26 9.54 -12.98
N LYS B 181 12.93 10.53 -12.41
CA LYS B 181 12.38 11.23 -11.25
C LYS B 181 11.17 12.06 -11.67
N TYR B 182 11.18 12.54 -12.90
CA TYR B 182 10.00 13.16 -13.50
C TYR B 182 9.97 12.84 -14.98
N PHE B 183 8.82 13.08 -15.59
CA PHE B 183 8.62 12.77 -17.00
C PHE B 183 8.05 13.98 -17.74
N GLU B 184 8.32 14.03 -19.04
CA GLU B 184 7.85 15.11 -19.89
C GLU B 184 6.48 14.74 -20.45
N VAL B 185 5.59 15.73 -20.51
CA VAL B 185 4.31 15.54 -21.18
C VAL B 185 4.19 16.65 -22.22
N ARG B 186 4.59 16.33 -23.45
CA ARG B 186 4.58 17.30 -24.55
C ARG B 186 3.45 16.99 -25.51
N THR B 187 2.73 18.04 -25.92
CA THR B 187 1.59 17.87 -26.81
C THR B 187 1.64 18.91 -27.92
N GLU B 188 1.45 18.47 -29.16
CA GLU B 188 1.28 19.35 -30.30
C GLU B 188 -0.14 19.21 -30.80
N VAL B 189 -0.93 20.27 -30.63
CA VAL B 189 -2.32 20.27 -31.05
C VAL B 189 -2.43 20.98 -32.40
N ASN B 190 -2.88 20.24 -33.40
CA ASN B 190 -3.10 20.80 -34.74
C ASN B 190 -4.24 20.01 -35.40
N PRO B 191 -4.72 20.46 -36.57
CA PRO B 191 -5.85 19.78 -37.21
C PRO B 191 -5.67 18.26 -37.39
N THR B 192 -4.46 17.83 -37.72
CA THR B 192 -4.18 16.40 -37.92
C THR B 192 -4.17 15.62 -36.60
N ASN B 193 -3.51 16.18 -35.59
CA ASN B 193 -3.35 15.50 -34.29
C ASN B 193 -4.60 15.56 -33.42
N LEU B 194 -5.48 16.51 -33.70
CA LEU B 194 -6.65 16.78 -32.86
C LEU B 194 -7.49 15.53 -32.58
N ALA B 195 -7.68 14.70 -33.60
CA ALA B 195 -8.47 13.48 -33.46
C ALA B 195 -7.99 12.61 -32.30
N TYR B 196 -6.71 12.23 -32.32
CA TYR B 196 -6.18 11.31 -31.30
C TYR B 196 -6.02 11.94 -29.91
N THR B 197 -5.99 13.28 -29.82
CA THR B 197 -5.97 13.95 -28.51
C THR B 197 -7.29 13.77 -27.76
N GLY B 198 -8.37 13.49 -28.50
CA GLY B 198 -9.67 13.19 -27.92
C GLY B 198 -9.81 11.81 -27.28
N LEU B 199 -8.85 10.92 -27.54
CA LEU B 199 -8.90 9.55 -27.03
C LEU B 199 -8.35 9.42 -25.61
N GLY B 200 -8.97 8.52 -24.83
CA GLY B 200 -8.48 8.17 -23.50
C GLY B 200 -8.52 9.29 -22.48
N LEU B 201 -9.59 10.09 -22.50
CA LEU B 201 -9.72 11.25 -21.61
C LEU B 201 -10.60 10.97 -20.38
N GLN B 202 -10.94 9.72 -20.13
CA GLN B 202 -11.69 9.40 -18.91
C GLN B 202 -10.79 9.70 -17.73
N ALA B 203 -11.39 10.26 -16.67
CA ALA B 203 -10.69 10.47 -15.42
C ALA B 203 -10.15 9.15 -14.90
N HIS B 204 -8.98 9.19 -14.29
CA HIS B 204 -8.32 7.99 -13.80
C HIS B 204 -7.33 8.31 -12.71
N THR B 205 -6.99 7.30 -11.91
CA THR B 205 -5.84 7.36 -11.05
C THR B 205 -4.68 6.77 -11.84
N ASP B 206 -3.48 7.30 -11.62
CA ASP B 206 -2.31 6.80 -12.33
C ASP B 206 -1.77 5.52 -11.71
N ASN B 207 -1.28 4.64 -12.57
CA ASN B 207 -0.44 3.53 -12.17
C ASN B 207 -1.08 2.56 -11.16
N PRO B 208 -2.35 2.15 -11.39
CA PRO B 208 -2.93 1.14 -10.50
C PRO B 208 -2.26 -0.21 -10.65
N TYR B 209 -1.47 -0.36 -11.71
CA TYR B 209 -0.63 -1.52 -11.94
C TYR B 209 0.66 -1.55 -11.12
N ARG B 210 0.94 -0.51 -10.35
CA ARG B 210 2.06 -0.49 -9.42
C ARG B 210 1.55 -0.77 -8.02
N ASP B 211 2.22 -1.68 -7.33
CA ASP B 211 1.93 -1.96 -5.93
C ASP B 211 3.28 -1.88 -5.20
N PRO B 212 3.49 -0.87 -4.36
CA PRO B 212 2.52 0.14 -3.97
C PRO B 212 2.27 1.24 -4.99
N VAL B 213 1.00 1.64 -5.13
CA VAL B 213 0.63 2.74 -6.01
C VAL B 213 1.34 4.03 -5.57
N PRO B 214 1.93 4.78 -6.52
CA PRO B 214 2.45 6.10 -6.16
C PRO B 214 1.30 6.92 -5.56
N SER B 215 1.52 7.49 -4.37
CA SER B 215 0.40 8.01 -3.60
C SER B 215 0.08 9.50 -3.83
N LEU B 216 1.02 10.25 -4.40
CA LEU B 216 0.77 11.62 -4.86
C LEU B 216 1.26 11.77 -6.29
N GLN B 217 0.61 12.65 -7.05
CA GLN B 217 1.09 13.02 -8.38
C GLN B 217 1.10 14.53 -8.51
N ILE B 218 2.18 15.05 -9.11
CA ILE B 218 2.32 16.48 -9.37
C ILE B 218 2.35 16.68 -10.88
N LEU B 219 1.58 17.65 -11.37
CA LEU B 219 1.63 18.07 -12.77
C LEU B 219 1.92 19.56 -12.79
N TYR B 220 2.91 19.95 -13.59
CA TYR B 220 3.50 21.29 -13.58
C TYR B 220 3.56 21.83 -15.01
N CYS B 221 2.97 23.00 -15.25
CA CYS B 221 2.94 23.58 -16.60
C CYS B 221 4.17 24.46 -16.84
N LEU B 222 4.87 24.20 -17.95
CA LEU B 222 5.97 25.04 -18.41
C LEU B 222 5.59 25.90 -19.60
N GLU B 223 4.78 25.36 -20.51
CA GLU B 223 4.33 26.07 -21.70
C GLU B 223 2.90 25.65 -22.05
N ASN B 224 2.10 26.61 -22.47
CA ASN B 224 0.74 26.33 -22.93
C ASN B 224 0.31 27.40 -23.93
N SER B 225 0.10 26.99 -25.17
CA SER B 225 -0.43 27.88 -26.22
C SER B 225 -1.63 27.26 -26.94
N ALA B 226 -2.15 26.17 -26.42
CA ALA B 226 -3.31 25.50 -27.00
C ALA B 226 -4.56 25.87 -26.20
N GLU B 227 -5.65 26.17 -26.92
CA GLU B 227 -6.90 26.55 -26.27
C GLU B 227 -7.62 25.31 -25.75
N GLY B 228 -8.35 25.48 -24.64
CA GLY B 228 -9.06 24.37 -24.02
C GLY B 228 -8.10 23.47 -23.25
N GLY B 229 -8.47 22.21 -23.11
CA GLY B 229 -7.65 21.24 -22.40
C GLY B 229 -7.49 21.55 -20.91
N ASP B 230 -8.55 22.12 -20.31
CA ASP B 230 -8.55 22.40 -18.87
C ASP B 230 -8.32 21.10 -18.12
N SER B 231 -7.54 21.16 -17.04
CA SER B 231 -7.36 20.00 -16.17
C SER B 231 -8.66 19.73 -15.43
N ILE B 232 -8.93 18.46 -15.18
CA ILE B 232 -10.12 18.02 -14.45
C ILE B 232 -9.69 17.09 -13.32
N VAL B 233 -10.29 17.25 -12.15
CA VAL B 233 -10.17 16.28 -11.08
C VAL B 233 -11.55 15.82 -10.64
N VAL B 234 -11.63 14.54 -10.26
CA VAL B 234 -12.87 13.92 -9.79
C VAL B 234 -12.56 13.20 -8.48
N ASP B 235 -13.43 13.38 -7.48
CA ASP B 235 -13.26 12.73 -6.17
C ASP B 235 -13.72 11.28 -6.22
N GLY B 236 -12.77 10.34 -6.25
CA GLY B 236 -13.07 8.92 -6.21
C GLY B 236 -13.93 8.53 -5.01
N PHE B 237 -13.71 9.18 -3.87
CA PHE B 237 -14.51 8.91 -2.68
C PHE B 237 -15.96 9.38 -2.85
N ARG B 238 -16.17 10.49 -3.55
CA ARG B 238 -17.54 10.94 -3.82
C ARG B 238 -18.23 9.97 -4.78
N ALA B 239 -17.54 9.56 -5.83
CA ALA B 239 -18.10 8.57 -6.76
C ALA B 239 -18.46 7.27 -6.04
N ALA B 240 -17.57 6.81 -5.17
CA ALA B 240 -17.81 5.58 -4.41
C ALA B 240 -18.97 5.75 -3.41
N GLU B 241 -19.03 6.91 -2.75
CA GLU B 241 -20.14 7.25 -1.85
C GLU B 241 -21.50 7.20 -2.54
N ARG B 242 -21.55 7.76 -3.74
CA ARG B 242 -22.78 7.77 -4.52
C ARG B 242 -23.24 6.37 -4.86
N LEU B 243 -22.29 5.52 -5.28
CA LEU B 243 -22.60 4.13 -5.56
C LEU B 243 -23.14 3.41 -4.33
N ARG B 244 -22.48 3.62 -3.19
CA ARG B 244 -22.88 2.99 -1.94
C ARG B 244 -24.27 3.39 -1.49
N ASP B 245 -24.58 4.67 -1.57
CA ASP B 245 -25.87 5.18 -1.10
C ASP B 245 -27.01 4.67 -2.00
N GLU B 246 -26.73 4.58 -3.29
CA GLU B 246 -27.69 4.06 -4.26
C GLU B 246 -27.76 2.54 -4.27
N ASP B 247 -26.61 1.89 -4.20
CA ASP B 247 -26.47 0.47 -4.51
C ASP B 247 -25.42 -0.16 -3.59
N PRO B 248 -25.80 -0.41 -2.32
CA PRO B 248 -24.83 -0.96 -1.37
C PRO B 248 -24.26 -2.33 -1.77
N GLU B 249 -25.06 -3.17 -2.42
CA GLU B 249 -24.57 -4.47 -2.88
C GLU B 249 -23.51 -4.33 -3.98
N GLY B 250 -23.69 -3.34 -4.85
CA GLY B 250 -22.73 -3.06 -5.93
C GLY B 250 -21.44 -2.51 -5.37
N PHE B 251 -21.55 -1.59 -4.43
CA PHE B 251 -20.39 -1.07 -3.70
C PHE B 251 -19.61 -2.19 -3.05
N ALA B 252 -20.32 -3.10 -2.37
CA ALA B 252 -19.70 -4.24 -1.71
C ALA B 252 -18.95 -5.15 -2.68
N LEU B 253 -19.48 -5.30 -3.89
CA LEU B 253 -18.82 -6.12 -4.92
C LEU B 253 -17.49 -5.49 -5.36
N LEU B 254 -17.49 -4.18 -5.57
CA LEU B 254 -16.28 -3.49 -6.02
C LEU B 254 -15.23 -3.40 -4.93
N ALA B 255 -15.67 -3.38 -3.67
CA ALA B 255 -14.77 -3.39 -2.53
C ALA B 255 -14.34 -4.80 -2.12
N GLY B 256 -15.17 -5.79 -2.44
CA GLY B 256 -15.00 -7.16 -1.95
C GLY B 256 -14.25 -8.12 -2.83
N ASN B 257 -13.86 -7.67 -4.03
CA ASN B 257 -13.15 -8.51 -4.99
C ASN B 257 -12.01 -7.73 -5.64
N PRO B 258 -10.83 -8.33 -5.76
CA PRO B 258 -9.76 -7.60 -6.43
C PRO B 258 -9.97 -7.52 -7.93
N ALA B 259 -9.55 -6.41 -8.52
CA ALA B 259 -9.40 -6.30 -9.96
C ALA B 259 -7.93 -6.61 -10.30
N ARG B 260 -7.62 -6.57 -11.59
CA ARG B 260 -6.26 -6.76 -12.07
C ARG B 260 -5.90 -5.59 -12.96
N PHE B 261 -4.68 -5.09 -12.81
CA PHE B 261 -4.17 -4.00 -13.63
C PHE B 261 -2.82 -4.38 -14.19
N GLU B 262 -2.55 -3.94 -15.42
CA GLU B 262 -1.33 -4.33 -16.12
C GLU B 262 -0.89 -3.28 -17.12
N TYR B 263 0.41 -2.98 -17.12
CA TYR B 263 1.02 -2.14 -18.13
C TYR B 263 2.18 -2.91 -18.73
N LYS B 264 2.14 -3.10 -20.05
CA LYS B 264 3.17 -3.87 -20.75
C LYS B 264 3.62 -3.11 -21.99
N GLY B 265 4.55 -2.17 -21.78
CA GLY B 265 5.00 -1.26 -22.82
C GLY B 265 6.09 -1.84 -23.71
N SER B 266 6.26 -1.24 -24.88
CA SER B 266 7.27 -1.69 -25.85
C SER B 266 8.71 -1.40 -25.40
N ASP B 267 8.88 -0.50 -24.42
CA ASP B 267 10.21 -0.13 -23.92
C ASP B 267 10.64 -0.92 -22.67
N GLY B 268 10.24 -2.18 -22.57
CA GLY B 268 10.68 -3.06 -21.49
C GLY B 268 10.19 -2.66 -20.12
N VAL B 269 8.91 -2.31 -20.03
CA VAL B 269 8.28 -2.07 -18.74
C VAL B 269 7.08 -2.99 -18.67
N HIS B 270 7.03 -3.81 -17.64
CA HIS B 270 5.92 -4.73 -17.45
C HIS B 270 5.55 -4.75 -15.98
N LEU B 271 4.45 -4.06 -15.67
CA LEU B 271 4.00 -3.85 -14.30
C LEU B 271 2.61 -4.43 -14.12
N ARG B 272 2.39 -5.11 -13.00
CA ARG B 272 1.10 -5.72 -12.71
C ARG B 272 0.75 -5.58 -11.23
N ALA B 273 -0.54 -5.43 -10.94
CA ALA B 273 -1.02 -5.46 -9.56
C ALA B 273 -2.40 -6.10 -9.45
N ARG B 274 -2.69 -6.58 -8.26
CA ARG B 274 -3.94 -7.27 -7.95
C ARG B 274 -4.54 -6.54 -6.74
N ARG B 275 -5.52 -5.68 -7.00
CA ARG B 275 -6.10 -4.80 -5.98
C ARG B 275 -7.53 -4.44 -6.36
N PRO B 276 -8.39 -4.23 -5.38
CA PRO B 276 -9.76 -3.81 -5.66
C PRO B 276 -9.84 -2.37 -6.14
N MET B 277 -10.90 -2.04 -6.87
CA MET B 277 -11.12 -0.66 -7.31
C MET B 277 -11.52 0.25 -6.15
N ILE B 278 -12.18 -0.31 -5.16
CA ILE B 278 -12.44 0.40 -3.91
C ILE B 278 -11.78 -0.41 -2.80
N GLU B 279 -10.84 0.21 -2.07
CA GLU B 279 -10.11 -0.46 -1.00
C GLU B 279 -10.59 0.06 0.35
N LEU B 280 -11.02 -0.87 1.20
CA LEU B 280 -11.45 -0.56 2.56
C LEU B 280 -10.44 -1.08 3.57
N SER B 281 -10.34 -0.42 4.70
CA SER B 281 -9.66 -0.96 5.87
C SER B 281 -10.46 -2.18 6.35
N PRO B 282 -9.85 -3.03 7.19
CA PRO B 282 -10.59 -4.22 7.62
C PRO B 282 -11.85 -3.91 8.44
N ASP B 283 -11.91 -2.72 9.04
CA ASP B 283 -13.09 -2.28 9.80
C ASP B 283 -14.02 -1.35 9.00
N GLY B 284 -13.84 -1.31 7.67
CA GLY B 284 -14.82 -0.71 6.77
C GLY B 284 -14.59 0.71 6.28
N GLU B 285 -13.52 1.36 6.70
CA GLU B 285 -13.23 2.73 6.24
C GLU B 285 -12.69 2.71 4.83
N MET B 286 -13.21 3.59 3.97
CA MET B 286 -12.74 3.70 2.60
C MET B 286 -11.35 4.32 2.63
N ILE B 287 -10.35 3.65 2.06
CA ILE B 287 -8.99 4.18 2.11
C ILE B 287 -8.33 4.44 0.75
N ALA B 288 -8.79 3.80 -0.31
CA ALA B 288 -8.20 4.02 -1.63
C ALA B 288 -9.12 3.68 -2.79
N ILE B 289 -8.93 4.40 -3.90
CA ILE B 289 -9.61 4.15 -5.15
C ILE B 289 -8.56 3.87 -6.21
N ARG B 290 -8.80 2.86 -7.04
CA ARG B 290 -7.97 2.56 -8.21
C ARG B 290 -8.91 2.43 -9.39
N PHE B 291 -8.80 3.35 -10.35
CA PHE B 291 -9.69 3.36 -11.50
C PHE B 291 -8.96 3.86 -12.74
N ASN B 292 -8.83 3.00 -13.73
CA ASN B 292 -8.08 3.33 -14.93
C ASN B 292 -8.47 2.37 -16.05
N ASN B 293 -9.22 2.86 -17.03
CA ASN B 293 -9.70 1.99 -18.10
C ASN B 293 -8.59 1.42 -18.96
N ARG B 294 -7.52 2.20 -19.17
CA ARG B 294 -6.47 1.82 -20.11
C ARG B 294 -5.60 0.67 -19.65
N SER B 295 -5.43 0.52 -18.34
CA SER B 295 -4.57 -0.55 -17.81
C SER B 295 -5.32 -1.62 -17.01
N SER B 296 -6.65 -1.62 -17.08
CA SER B 296 -7.43 -2.73 -16.53
C SER B 296 -7.09 -4.00 -17.31
N ALA B 297 -6.83 -5.09 -16.57
CA ALA B 297 -6.43 -6.38 -17.14
C ALA B 297 -7.52 -7.42 -16.86
N PRO B 298 -7.38 -8.64 -17.41
CA PRO B 298 -8.47 -9.62 -17.21
C PRO B 298 -8.77 -9.91 -15.74
N PHE B 299 -10.03 -9.75 -15.33
CA PHE B 299 -10.45 -9.99 -13.95
C PHE B 299 -10.63 -11.49 -13.75
N VAL B 300 -9.58 -12.14 -13.23
CA VAL B 300 -9.54 -13.59 -13.07
C VAL B 300 -9.93 -14.06 -11.66
N ASP B 301 -10.12 -13.12 -10.74
CA ASP B 301 -10.27 -13.43 -9.31
C ASP B 301 -11.71 -13.39 -8.81
N ILE B 302 -12.63 -12.96 -9.66
CA ILE B 302 -14.02 -12.76 -9.25
C ILE B 302 -14.80 -14.03 -9.58
N PRO B 303 -15.48 -14.62 -8.58
CA PRO B 303 -16.18 -15.88 -8.86
C PRO B 303 -17.24 -15.73 -9.95
N PHE B 304 -17.50 -16.81 -10.68
CA PHE B 304 -18.46 -16.77 -11.79
C PHE B 304 -19.80 -16.19 -11.36
N GLU B 305 -20.32 -16.68 -10.24
CA GLU B 305 -21.63 -16.25 -9.74
C GLU B 305 -21.75 -14.75 -9.39
N LYS B 306 -20.63 -14.06 -9.25
CA LYS B 306 -20.63 -12.62 -8.95
C LYS B 306 -20.20 -11.72 -10.11
N MET B 307 -19.68 -12.30 -11.18
CA MET B 307 -19.06 -11.51 -12.26
C MET B 307 -20.02 -10.53 -12.94
N GLU B 308 -21.27 -10.96 -13.20
CA GLU B 308 -22.22 -10.08 -13.89
C GLU B 308 -22.58 -8.85 -13.07
N ALA B 309 -22.91 -9.09 -11.80
CA ALA B 309 -23.24 -8.01 -10.88
C ALA B 309 -22.02 -7.11 -10.64
N TYR B 310 -20.83 -7.70 -10.58
CA TYR B 310 -19.59 -6.92 -10.44
C TYR B 310 -19.46 -5.96 -11.61
N TYR B 311 -19.61 -6.48 -12.82
CA TYR B 311 -19.53 -5.64 -14.03
C TYR B 311 -20.57 -4.53 -14.06
N ALA B 312 -21.78 -4.82 -13.56
CA ALA B 312 -22.84 -3.82 -13.50
C ALA B 312 -22.47 -2.66 -12.56
N ALA B 313 -21.92 -3.00 -11.40
CA ALA B 313 -21.45 -2.00 -10.42
C ALA B 313 -20.29 -1.17 -10.97
N TYR B 314 -19.36 -1.86 -11.61
CA TYR B 314 -18.20 -1.25 -12.29
C TYR B 314 -18.67 -0.22 -13.31
N ARG B 315 -19.64 -0.59 -14.15
CA ARG B 315 -20.23 0.33 -15.11
C ARG B 315 -20.83 1.53 -14.39
N ARG B 316 -21.57 1.28 -13.32
CA ARG B 316 -22.22 2.37 -12.60
C ARG B 316 -21.21 3.33 -11.98
N LEU B 317 -20.14 2.78 -11.41
CA LEU B 317 -19.08 3.63 -10.86
C LEU B 317 -18.51 4.51 -11.97
N GLY B 318 -18.29 3.92 -13.15
CA GLY B 318 -17.82 4.67 -14.32
C GLY B 318 -18.75 5.80 -14.72
N GLU B 319 -20.05 5.60 -14.57
CA GLU B 319 -21.03 6.64 -14.88
C GLU B 319 -20.92 7.82 -13.91
N PHE B 320 -20.67 7.54 -12.64
CA PHE B 320 -20.48 8.62 -11.68
C PHE B 320 -19.18 9.38 -11.97
N ILE B 321 -18.15 8.66 -12.39
CA ILE B 321 -16.86 9.27 -12.73
C ILE B 321 -16.96 10.10 -14.02
N ASP B 322 -17.77 9.64 -14.98
CA ASP B 322 -18.03 10.38 -16.23
C ASP B 322 -19.01 11.56 -16.07
N ASP B 323 -19.67 11.65 -14.92
CA ASP B 323 -20.65 12.72 -14.67
C ASP B 323 -19.97 14.10 -14.61
N PRO B 324 -20.32 15.00 -15.55
CA PRO B 324 -19.65 16.31 -15.59
C PRO B 324 -19.85 17.16 -14.32
N GLU B 325 -20.94 16.93 -13.58
CA GLU B 325 -21.17 17.64 -12.32
C GLU B 325 -20.27 17.17 -11.18
N MET B 326 -19.47 16.15 -11.42
CA MET B 326 -18.49 15.66 -10.44
C MET B 326 -17.11 16.30 -10.60
N GLY B 327 -16.83 16.83 -11.79
CA GLY B 327 -15.49 17.33 -12.11
C GLY B 327 -15.24 18.76 -11.67
N VAL B 328 -14.06 19.00 -11.10
CA VAL B 328 -13.59 20.36 -10.86
C VAL B 328 -12.55 20.66 -11.94
N SER B 329 -12.79 21.72 -12.71
CA SER B 329 -11.93 22.06 -13.85
C SER B 329 -11.15 23.35 -13.58
N PHE B 330 -9.94 23.43 -14.13
CA PHE B 330 -9.12 24.63 -14.02
C PHE B 330 -8.05 24.69 -15.08
N LYS B 331 -7.58 25.90 -15.36
CA LYS B 331 -6.50 26.12 -16.31
C LYS B 331 -5.15 26.03 -15.60
N LEU B 332 -4.14 25.59 -16.33
CA LEU B 332 -2.76 25.64 -15.83
C LEU B 332 -1.94 26.53 -16.74
N GLU B 333 -1.54 27.68 -16.23
CA GLU B 333 -0.65 28.59 -16.94
C GLU B 333 0.79 28.25 -16.58
N PRO B 334 1.77 28.71 -17.40
CA PRO B 334 3.16 28.46 -17.09
C PRO B 334 3.53 28.83 -15.65
N GLY B 335 4.22 27.94 -14.95
CA GLY B 335 4.58 28.15 -13.56
C GLY B 335 3.55 27.70 -12.56
N GLU B 336 2.38 27.25 -13.03
CA GLU B 336 1.35 26.74 -12.14
C GLU B 336 1.37 25.21 -12.13
N SER B 337 0.96 24.64 -11.01
CA SER B 337 0.94 23.19 -10.87
C SER B 337 -0.17 22.74 -9.95
N PHE B 338 -0.46 21.44 -9.97
CA PHE B 338 -1.36 20.88 -8.98
C PHE B 338 -0.90 19.50 -8.53
N ILE B 339 -1.29 19.18 -7.31
CA ILE B 339 -1.03 17.87 -6.73
C ILE B 339 -2.37 17.18 -6.52
N VAL B 340 -2.42 15.88 -6.80
CA VAL B 340 -3.54 15.05 -6.40
C VAL B 340 -3.07 13.95 -5.49
N ASP B 341 -3.92 13.60 -4.54
CA ASP B 341 -3.81 12.36 -3.81
C ASP B 341 -4.24 11.27 -4.78
N ASN B 342 -3.26 10.55 -5.30
CA ASN B 342 -3.46 9.56 -6.35
C ASN B 342 -4.09 8.26 -5.84
N THR B 343 -4.35 8.19 -4.53
CA THR B 343 -5.08 7.06 -3.93
C THR B 343 -6.58 7.38 -3.79
N ARG B 344 -6.99 8.56 -4.25
CA ARG B 344 -8.35 9.05 -4.03
C ARG B 344 -8.92 9.84 -5.19
N VAL B 345 -8.19 10.88 -5.60
CA VAL B 345 -8.67 11.83 -6.59
C VAL B 345 -8.18 11.46 -7.97
N LEU B 346 -9.11 11.34 -8.91
CA LEU B 346 -8.79 11.01 -10.30
C LEU B 346 -8.53 12.30 -11.05
N HIS B 347 -7.82 12.18 -12.16
CA HIS B 347 -7.56 13.35 -13.00
C HIS B 347 -7.69 13.02 -14.48
N ALA B 348 -7.86 14.08 -15.26
CA ALA B 348 -7.90 14.02 -16.72
C ALA B 348 -7.77 15.45 -17.21
N ARG B 349 -8.06 15.66 -18.50
CA ARG B 349 -8.30 17.00 -19.01
C ARG B 349 -9.48 16.98 -19.95
N LEU B 350 -10.02 18.16 -20.23
CA LEU B 350 -11.07 18.29 -21.23
C LEU B 350 -10.44 18.32 -22.61
N GLY B 351 -11.29 18.32 -23.65
CA GLY B 351 -10.80 18.36 -25.02
C GLY B 351 -10.15 19.70 -25.34
N TYR B 352 -9.16 19.67 -26.24
CA TYR B 352 -8.60 20.89 -26.78
C TYR B 352 -9.60 21.52 -27.75
N SER B 353 -9.64 22.85 -27.78
CA SER B 353 -10.55 23.60 -28.65
C SER B 353 -9.83 24.54 -29.62
N GLY B 354 -8.49 24.48 -29.62
CA GLY B 354 -7.68 25.34 -30.48
C GLY B 354 -6.28 24.74 -30.64
N SER B 355 -5.64 25.07 -31.76
CA SER B 355 -4.29 24.58 -32.04
C SER B 355 -3.23 25.27 -31.21
N GLY B 356 -2.11 24.59 -30.99
CA GLY B 356 -1.00 25.13 -30.22
C GLY B 356 -0.13 24.03 -29.64
N SER B 357 0.71 24.43 -28.68
CA SER B 357 1.64 23.52 -28.00
C SER B 357 1.39 23.52 -26.51
N ARG B 358 1.70 22.40 -25.86
CA ARG B 358 1.68 22.32 -24.41
C ARG B 358 2.85 21.51 -23.89
N TRP B 359 3.42 21.94 -22.77
CA TRP B 359 4.51 21.23 -22.13
C TRP B 359 4.26 21.22 -20.63
N LEU B 360 3.98 20.02 -20.12
CA LEU B 360 3.83 19.76 -18.71
C LEU B 360 4.96 18.84 -18.27
N GLN B 361 5.28 18.88 -16.98
CA GLN B 361 6.14 17.88 -16.37
C GLN B 361 5.33 17.20 -15.27
N GLY B 362 5.56 15.90 -15.12
CA GLY B 362 4.84 15.10 -14.14
C GLY B 362 5.80 14.30 -13.29
N CYS B 363 5.43 14.09 -12.04
CA CYS B 363 6.18 13.23 -11.15
C CYS B 363 5.26 12.68 -10.07
N TYR B 364 5.77 11.70 -9.33
CA TYR B 364 5.05 11.14 -8.20
C TYR B 364 5.82 11.40 -6.92
N ALA B 365 5.10 11.45 -5.81
CA ALA B 365 5.69 11.56 -4.48
C ALA B 365 4.80 10.75 -3.53
N ASP B 366 5.14 10.68 -2.25
CA ASP B 366 4.34 9.86 -1.33
C ASP B 366 3.72 10.59 -0.15
N LYS B 367 2.48 10.23 0.14
CA LYS B 367 1.66 10.90 1.16
C LYS B 367 2.23 10.85 2.56
N ASP B 368 2.95 9.78 2.90
CA ASP B 368 3.50 9.65 4.25
C ASP B 368 4.37 10.87 4.59
N GLY B 369 5.17 11.31 3.63
CA GLY B 369 6.04 12.46 3.81
C GLY B 369 5.23 13.74 3.97
N LEU B 370 4.17 13.88 3.19
CA LEU B 370 3.29 15.04 3.29
C LEU B 370 2.65 15.12 4.68
N PHE B 371 2.11 14.00 5.17
CA PHE B 371 1.48 13.99 6.49
C PHE B 371 2.48 14.29 7.60
N SER B 372 3.69 13.76 7.48
CA SER B 372 4.75 14.05 8.46
C SER B 372 5.03 15.55 8.53
N THR B 373 5.23 16.15 7.36
CA THR B 373 5.50 17.58 7.26
C THR B 373 4.35 18.39 7.83
N LEU B 374 3.13 17.98 7.52
CA LEU B 374 1.92 18.61 8.08
C LEU B 374 1.87 18.47 9.61
N ASN B 375 2.15 17.27 10.10
CA ASN B 375 2.18 17.02 11.56
C ASN B 375 3.19 17.92 12.26
N VAL B 376 4.37 18.04 11.66
CA VAL B 376 5.44 18.86 12.22
C VAL B 376 5.04 20.34 12.22
N LEU B 377 4.49 20.82 11.12
CA LEU B 377 4.01 22.19 11.02
C LEU B 377 2.92 22.49 12.06
N ASN B 378 1.97 21.56 12.21
CA ASN B 378 0.89 21.74 13.18
C ASN B 378 1.41 21.86 14.62
N ALA B 379 2.41 21.05 14.95
CA ALA B 379 3.06 21.13 16.26
C ALA B 379 3.82 22.45 16.43
N GLN B 380 4.49 22.89 15.38
CA GLN B 380 5.23 24.15 15.40
C GLN B 380 4.32 25.37 15.53
N LEU B 381 3.13 25.29 14.93
CA LEU B 381 2.17 26.41 14.92
C LEU B 381 1.13 26.31 16.04
N GLY B 382 1.04 25.17 16.71
CA GLY B 382 0.00 24.93 17.70
C GLY B 382 0.01 25.89 18.87
FE FE2 C . 14.85 -2.92 10.53
C1 AKG D . 17.43 -1.81 10.20
O1 AKG D . 16.31 -1.74 9.64
O2 AKG D . 18.33 -0.97 9.96
C2 AKG D . 17.66 -2.87 11.18
O5 AKG D . 16.71 -3.54 11.58
C3 AKG D . 19.05 -3.17 11.69
C4 AKG D . 19.44 -4.59 11.31
C5 AKG D . 20.87 -4.90 11.67
O3 AKG D . 21.35 -5.97 11.25
O4 AKG D . 21.54 -4.10 12.35
S SO4 E . 12.10 0.73 11.99
O1 SO4 E . 12.15 -0.54 12.73
O2 SO4 E . 11.73 1.86 12.86
O3 SO4 E . 13.46 1.00 11.45
O4 SO4 E . 11.17 0.67 10.84
S SO4 F . 20.59 -7.17 23.95
O1 SO4 F . 19.77 -8.29 23.43
O2 SO4 F . 20.58 -7.18 25.43
O3 SO4 F . 21.97 -7.31 23.46
O4 SO4 F . 20.02 -5.89 23.47
FE FE2 G . -2.61 10.34 -15.77
S SO4 H . -1.32 5.61 -16.55
O1 SO4 H . -0.81 4.49 -17.37
O2 SO4 H . -1.29 5.25 -15.14
O3 SO4 H . -0.41 6.78 -16.77
O4 SO4 H . -2.68 5.97 -17.00
S SO4 I . -1.38 -14.95 -9.46
O1 SO4 I . -0.39 -16.06 -9.38
O2 SO4 I . -2.69 -15.44 -9.01
O3 SO4 I . -1.48 -14.50 -10.87
O4 SO4 I . -0.93 -13.83 -8.61
#